data_1K8Z
#
_entry.id   1K8Z
#
_cell.length_a   184.420
_cell.length_b   61.035
_cell.length_c   67.534
_cell.angle_alpha   90.00
_cell.angle_beta   94.69
_cell.angle_gamma   90.00
#
_symmetry.space_group_name_H-M   'C 1 2 1'
#
loop_
_entity.id
_entity.type
_entity.pdbx_description
1 polymer 'TRYPTOPHAN SYNTHASE ALPHA CHAIN'
2 polymer 'TRYPTOPHAN SYNTHASE BETA CHAIN'
3 non-polymer 'N-[1H-INDOL-3-YL-ACETYL]GLYCINE ACID'
4 non-polymer 'SODIUM ION'
5 non-polymer "PYRIDOXAL-5'-PHOSPHATE"
6 water water
#
loop_
_entity_poly.entity_id
_entity_poly.type
_entity_poly.pdbx_seq_one_letter_code
_entity_poly.pdbx_strand_id
1 'polypeptide(L)'
;MERYENLFAQLNDRREGAFVPFVTLGDPGIEQSLKIIDTLIDAGADALELGVPFSDPLADGPTIQNANLRAFAAGVTPAQ
CFEMLALIREKHPTIPIGLLMYANLVFNNGIDAFYARCEQVGVDSVLVADVPVEESAPFRQAALRHNIAPIFICPPNADD
DLLRQVASYGRGYTYLLSRSGVTGAENRGALPLHHLIEKLKEYHAAPALQGFGISSPEQVSAAVRAGAAGAISGSAIVKI
IEKNLASPKQMLAELRSFVSAMKAASRA
;
A
2 'polypeptide(L)'
;TTLLNPYFGEFGGMYVPQILMPALNQLEEAFVSAQKDPEFQAQFADLLKNYAGRPTALTKCQNITAGTRTTLYLKREDLL
HGGAHKTNQVLGQALLAKRMGKSEIIAETGAGQHGVASALASALLGLKCRIYMGAKDVERQSPNVFRMRLMGAEVIPVHS
GSATLKDACNEALRDWPGSYETAHYMLGTAAGPHPYPTIVREFQRMIGEETKAQILDKEGRLPDAVIACVGGGSNAIGMF
ADFINDTSVGLIGVEPGGHGIETGEHGAPLKHGRVGIYFGMKAPMMQTADGQIEESYSISAGLDFPSVGPQHAYLNSIGR
ADYVSITDDEALEAFKTLCRHEGIIPALESSHALAHALKMMREQPEKEQLLVVNLSGRGDKDIFTVHDILKARGEI
;
B
#
loop_
_chem_comp.id
_chem_comp.type
_chem_comp.name
_chem_comp.formula
IAG non-polymer 'N-[1H-INDOL-3-YL-ACETYL]GLYCINE ACID' 'C12 H12 N2 O3'
NA non-polymer 'SODIUM ION' 'Na 1'
PLP non-polymer PYRIDOXAL-5'-PHOSPHATE 'C8 H10 N O6 P'
#
# COMPACT_ATOMS: atom_id res chain seq x y z
N MET A 1 -6.62 -29.59 -0.29
CA MET A 1 -5.50 -30.46 -0.75
C MET A 1 -6.12 -31.71 -1.58
N GLU A 2 -6.81 -32.78 -1.01
CA GLU A 2 -7.18 -34.07 -1.73
C GLU A 2 -7.77 -34.10 -3.11
N ARG A 3 -8.62 -33.11 -3.39
CA ARG A 3 -9.30 -33.09 -4.59
C ARG A 3 -8.18 -32.79 -5.58
N TYR A 4 -7.14 -32.08 -5.16
CA TYR A 4 -6.28 -31.64 -6.31
C TYR A 4 -5.36 -32.99 -6.54
N GLU A 5 -4.94 -33.68 -5.51
CA GLU A 5 -4.11 -35.05 -5.73
C GLU A 5 -4.98 -35.98 -6.60
N ASN A 6 -6.29 -36.11 -6.30
CA ASN A 6 -7.15 -36.93 -7.10
C ASN A 6 -7.20 -36.49 -8.58
N LEU A 7 -7.32 -35.15 -8.82
CA LEU A 7 -7.62 -34.73 -10.13
C LEU A 7 -6.21 -34.96 -10.94
N PHE A 8 -5.05 -34.73 -10.35
CA PHE A 8 -3.82 -34.75 -11.15
C PHE A 8 -3.50 -36.23 -11.51
N ALA A 9 -3.87 -37.06 -10.58
CA ALA A 9 -3.76 -38.55 -10.79
C ALA A 9 -4.66 -38.98 -11.87
N GLN A 10 -5.87 -38.51 -11.92
CA GLN A 10 -6.74 -38.88 -12.85
C GLN A 10 -6.30 -38.31 -14.26
N LEU A 11 -5.84 -37.05 -14.28
CA LEU A 11 -5.46 -36.54 -15.49
C LEU A 11 -4.15 -37.29 -16.00
N ASN A 12 -3.22 -37.73 -15.15
CA ASN A 12 -1.95 -38.44 -15.54
C ASN A 12 -2.32 -39.77 -16.21
N ASP A 13 -3.29 -40.54 -15.66
CA ASP A 13 -3.78 -41.78 -16.29
C ASP A 13 -4.22 -41.42 -17.74
N ARG A 14 -4.62 -40.19 -18.12
CA ARG A 14 -5.26 -40.07 -19.35
C ARG A 14 -4.15 -39.28 -20.17
N ARG A 15 -3.01 -39.02 -19.61
CA ARG A 15 -2.01 -38.25 -20.38
C ARG A 15 -2.58 -36.88 -20.82
N GLU A 16 -3.37 -36.17 -19.88
CA GLU A 16 -4.15 -34.91 -20.21
C GLU A 16 -3.57 -33.92 -19.22
N GLY A 17 -3.44 -32.56 -19.72
CA GLY A 17 -3.07 -31.35 -18.80
C GLY A 17 -4.45 -30.85 -18.29
N ALA A 18 -4.38 -30.12 -17.09
CA ALA A 18 -5.61 -29.58 -16.53
C ALA A 18 -5.83 -28.08 -17.27
N PHE A 19 -7.00 -27.67 -17.45
CA PHE A 19 -7.31 -26.25 -17.90
C PHE A 19 -8.16 -25.66 -16.73
N VAL A 20 -7.69 -24.53 -16.12
CA VAL A 20 -8.29 -24.00 -14.89
C VAL A 20 -8.72 -22.49 -15.30
N PRO A 21 -9.91 -22.20 -15.43
CA PRO A 21 -10.25 -20.78 -15.63
C PRO A 21 -10.44 -19.98 -14.25
N PHE A 22 -10.14 -18.65 -14.28
CA PHE A 22 -10.35 -17.75 -13.14
C PHE A 22 -11.54 -16.82 -13.43
N VAL A 23 -12.40 -16.56 -12.41
CA VAL A 23 -13.51 -15.58 -12.49
C VAL A 23 -13.55 -14.86 -11.09
N THR A 24 -14.02 -13.61 -11.11
CA THR A 24 -14.40 -12.92 -9.81
C THR A 24 -15.79 -13.29 -9.49
N LEU A 25 -15.88 -13.75 -8.19
CA LEU A 25 -17.27 -14.18 -7.64
C LEU A 25 -18.21 -13.00 -7.55
N GLY A 26 -19.38 -13.12 -8.00
CA GLY A 26 -20.41 -12.07 -7.96
C GLY A 26 -20.20 -11.14 -9.16
N ASP A 27 -19.34 -11.38 -10.07
CA ASP A 27 -19.42 -10.57 -11.33
C ASP A 27 -20.13 -11.20 -12.47
N PRO A 28 -21.06 -10.56 -13.14
CA PRO A 28 -21.53 -9.15 -12.88
C PRO A 28 -22.62 -9.11 -11.83
N GLY A 29 -23.14 -10.23 -11.29
CA GLY A 29 -24.06 -10.16 -10.12
C GLY A 29 -24.05 -11.66 -9.55
N ILE A 30 -24.71 -11.94 -8.39
CA ILE A 30 -24.48 -13.22 -7.71
C ILE A 30 -25.16 -14.34 -8.68
N GLU A 31 -26.42 -14.22 -9.07
CA GLU A 31 -27.14 -15.17 -9.91
C GLU A 31 -26.36 -15.36 -11.26
N GLN A 32 -25.91 -14.25 -11.86
CA GLN A 32 -25.23 -14.39 -13.16
C GLN A 32 -23.87 -15.14 -12.93
N SER A 33 -23.13 -14.82 -11.92
CA SER A 33 -21.92 -15.38 -11.60
C SER A 33 -22.11 -16.99 -11.40
N LEU A 34 -23.16 -17.33 -10.71
CA LEU A 34 -23.44 -18.79 -10.50
C LEU A 34 -23.63 -19.47 -11.86
N LYS A 35 -24.30 -18.84 -12.80
CA LYS A 35 -24.60 -19.51 -14.10
C LYS A 35 -23.31 -19.42 -14.88
N ILE A 36 -22.44 -18.38 -14.72
CA ILE A 36 -21.20 -18.35 -15.47
C ILE A 36 -20.29 -19.60 -15.04
N ILE A 37 -20.27 -19.88 -13.77
CA ILE A 37 -19.30 -20.75 -13.22
C ILE A 37 -19.96 -22.26 -13.60
N ASP A 38 -21.30 -22.46 -13.57
CA ASP A 38 -21.85 -23.91 -13.98
C ASP A 38 -21.53 -24.04 -15.46
N THR A 39 -21.56 -22.94 -16.20
CA THR A 39 -21.16 -23.04 -17.62
C THR A 39 -19.71 -23.41 -17.78
N LEU A 40 -18.72 -22.88 -17.03
CA LEU A 40 -17.31 -23.09 -17.20
C LEU A 40 -17.12 -24.66 -16.92
N ILE A 41 -17.88 -25.12 -15.94
CA ILE A 41 -17.63 -26.48 -15.47
C ILE A 41 -18.22 -27.43 -16.61
N ASP A 42 -19.34 -27.15 -17.12
CA ASP A 42 -20.01 -28.10 -18.03
C ASP A 42 -19.20 -28.06 -19.27
N ALA A 43 -18.60 -26.91 -19.56
CA ALA A 43 -17.71 -26.93 -20.69
C ALA A 43 -16.44 -27.61 -20.54
N GLY A 44 -15.98 -28.09 -19.40
CA GLY A 44 -14.75 -28.83 -19.22
C GLY A 44 -13.58 -28.30 -18.43
N ALA A 45 -13.84 -27.23 -17.65
CA ALA A 45 -12.82 -26.80 -16.72
C ALA A 45 -12.53 -27.91 -15.78
N ASP A 46 -11.33 -28.02 -15.52
CA ASP A 46 -10.87 -29.14 -14.61
C ASP A 46 -10.90 -28.78 -13.09
N ALA A 47 -10.85 -27.43 -12.83
CA ALA A 47 -10.59 -26.93 -11.38
C ALA A 47 -11.09 -25.42 -11.68
N LEU A 48 -11.41 -24.74 -10.54
CA LEU A 48 -11.70 -23.26 -10.65
C LEU A 48 -10.81 -22.60 -9.62
N GLU A 49 -10.57 -21.29 -10.17
CA GLU A 49 -9.81 -20.40 -9.37
C GLU A 49 -10.76 -19.10 -9.11
N LEU A 50 -10.94 -18.66 -7.86
CA LEU A 50 -12.22 -17.90 -7.89
C LEU A 50 -11.81 -16.58 -6.93
N GLY A 51 -12.09 -15.35 -7.32
CA GLY A 51 -11.44 -14.23 -6.43
C GLY A 51 -12.64 -13.58 -5.62
N VAL A 52 -12.20 -13.12 -4.44
CA VAL A 52 -13.27 -12.50 -3.61
C VAL A 52 -12.87 -10.85 -3.84
N PRO A 53 -13.94 -10.14 -4.23
CA PRO A 53 -13.70 -8.63 -4.56
C PRO A 53 -13.14 -7.96 -3.30
N PHE A 54 -12.05 -7.17 -3.44
CA PHE A 54 -11.29 -6.62 -2.35
C PHE A 54 -11.24 -4.94 -2.86
N SER A 55 -11.48 -4.04 -1.90
CA SER A 55 -11.56 -2.52 -2.35
C SER A 55 -10.12 -2.18 -2.94
N ASP A 56 -9.00 -2.77 -2.63
CA ASP A 56 -7.76 -2.38 -3.15
C ASP A 56 -6.79 -3.42 -3.78
N PRO A 57 -7.11 -3.92 -4.89
CA PRO A 57 -6.40 -5.14 -5.46
C PRO A 57 -5.09 -4.74 -6.14
N LEU A 58 -4.16 -4.40 -5.28
CA LEU A 58 -2.89 -4.01 -5.84
C LEU A 58 -2.06 -4.94 -6.66
N ALA A 59 -2.52 -6.16 -6.92
CA ALA A 59 -1.83 -7.06 -7.72
C ALA A 59 -2.64 -7.38 -8.97
N ASP A 60 -3.75 -6.73 -9.20
CA ASP A 60 -4.40 -7.01 -10.39
C ASP A 60 -4.36 -5.96 -11.54
N GLY A 61 -4.23 -6.45 -12.76
CA GLY A 61 -4.32 -5.65 -14.01
C GLY A 61 -5.64 -5.09 -14.21
N PRO A 62 -5.84 -4.28 -15.27
CA PRO A 62 -7.18 -3.68 -15.49
C PRO A 62 -8.43 -4.45 -15.70
N THR A 63 -8.33 -5.63 -16.33
CA THR A 63 -9.51 -6.41 -16.66
C THR A 63 -10.14 -6.89 -15.28
N ILE A 64 -9.24 -7.41 -14.42
CA ILE A 64 -9.69 -7.83 -13.13
C ILE A 64 -10.09 -6.67 -12.19
N GLN A 65 -9.33 -5.56 -12.17
CA GLN A 65 -9.93 -4.36 -11.52
C GLN A 65 -11.33 -4.02 -11.93
N ASN A 66 -11.70 -4.03 -13.24
CA ASN A 66 -13.02 -3.77 -13.56
C ASN A 66 -14.05 -4.86 -13.14
N ALA A 67 -13.51 -6.09 -13.13
CA ALA A 67 -14.46 -7.21 -12.67
C ALA A 67 -14.76 -6.83 -11.13
N ASN A 68 -13.79 -6.47 -10.34
CA ASN A 68 -14.09 -6.15 -8.92
C ASN A 68 -15.15 -5.06 -8.82
N LEU A 69 -14.95 -4.07 -9.66
CA LEU A 69 -15.92 -2.90 -9.50
C LEU A 69 -17.26 -3.32 -9.86
N ARG A 70 -17.38 -4.13 -10.92
CA ARG A 70 -18.70 -4.61 -11.21
C ARG A 70 -19.32 -5.40 -10.00
N ALA A 71 -18.53 -6.24 -9.39
CA ALA A 71 -19.17 -7.05 -8.27
C ALA A 71 -19.57 -6.06 -7.16
N PHE A 72 -18.69 -5.07 -6.93
CA PHE A 72 -19.07 -4.07 -5.88
C PHE A 72 -20.29 -3.31 -6.29
N ALA A 73 -20.48 -3.00 -7.56
CA ALA A 73 -21.68 -2.21 -7.97
C ALA A 73 -22.85 -3.13 -7.63
N ALA A 74 -22.69 -4.50 -7.77
CA ALA A 74 -23.90 -5.30 -7.33
C ALA A 74 -23.96 -5.57 -5.88
N GLY A 75 -23.11 -5.02 -5.08
CA GLY A 75 -23.34 -5.21 -3.66
C GLY A 75 -22.65 -6.44 -3.02
N VAL A 76 -21.81 -7.12 -3.88
CA VAL A 76 -21.16 -8.35 -3.32
C VAL A 76 -20.23 -8.09 -2.17
N THR A 77 -20.26 -8.91 -1.13
CA THR A 77 -19.38 -8.87 0.01
C THR A 77 -18.69 -10.36 0.34
N PRO A 78 -17.72 -10.38 1.11
CA PRO A 78 -17.08 -11.70 1.45
C PRO A 78 -18.09 -12.62 1.92
N ALA A 79 -19.00 -12.18 2.78
CA ALA A 79 -20.01 -13.14 3.21
C ALA A 79 -20.80 -13.79 2.14
N GLN A 80 -21.29 -13.07 1.11
CA GLN A 80 -22.10 -13.63 0.00
C GLN A 80 -21.17 -14.53 -0.84
N CYS A 81 -19.93 -14.17 -0.85
CA CYS A 81 -18.96 -14.99 -1.68
C CYS A 81 -18.94 -16.49 -1.01
N PHE A 82 -18.96 -16.60 0.33
CA PHE A 82 -18.76 -17.90 1.07
C PHE A 82 -20.13 -18.57 0.85
N GLU A 83 -21.22 -17.79 0.78
CA GLU A 83 -22.54 -18.35 0.48
C GLU A 83 -22.55 -19.05 -0.91
N MET A 84 -21.98 -18.33 -1.86
CA MET A 84 -21.95 -18.83 -3.24
C MET A 84 -20.97 -20.13 -3.19
N LEU A 85 -19.86 -20.13 -2.55
CA LEU A 85 -18.83 -21.20 -2.52
C LEU A 85 -19.69 -22.41 -1.97
N ALA A 86 -20.51 -22.21 -0.92
CA ALA A 86 -21.29 -23.44 -0.55
C ALA A 86 -22.22 -24.00 -1.61
N LEU A 87 -22.97 -23.28 -2.38
CA LEU A 87 -23.80 -23.77 -3.34
C LEU A 87 -23.01 -24.44 -4.52
N ILE A 88 -21.86 -23.86 -4.87
CA ILE A 88 -21.05 -24.40 -5.97
C ILE A 88 -20.53 -25.80 -5.48
N ARG A 89 -20.02 -25.91 -4.32
CA ARG A 89 -19.56 -27.21 -3.83
C ARG A 89 -20.80 -28.13 -3.66
N GLU A 90 -21.96 -27.72 -3.23
CA GLU A 90 -23.03 -28.71 -3.17
C GLU A 90 -23.42 -29.32 -4.50
N LYS A 91 -23.23 -28.61 -5.64
CA LYS A 91 -23.50 -29.16 -6.89
C LYS A 91 -22.42 -29.96 -7.63
N HIS A 92 -21.26 -29.77 -7.26
CA HIS A 92 -20.02 -30.24 -7.93
C HIS A 92 -19.23 -30.69 -6.86
N PRO A 93 -19.28 -31.87 -6.20
CA PRO A 93 -18.49 -32.38 -5.08
C PRO A 93 -17.08 -32.70 -5.32
N THR A 94 -16.58 -32.97 -6.54
CA THR A 94 -15.12 -33.29 -6.78
C THR A 94 -14.18 -32.22 -7.44
N ILE A 95 -14.81 -31.22 -8.06
CA ILE A 95 -13.88 -30.19 -8.77
C ILE A 95 -12.96 -29.48 -7.76
N PRO A 96 -11.68 -29.29 -7.92
CA PRO A 96 -10.92 -28.56 -6.99
C PRO A 96 -11.34 -26.99 -7.22
N ILE A 97 -11.47 -26.49 -5.93
CA ILE A 97 -12.04 -24.94 -5.87
C ILE A 97 -10.98 -24.27 -5.16
N GLY A 98 -10.17 -23.19 -5.89
CA GLY A 98 -9.15 -22.52 -5.17
C GLY A 98 -9.65 -20.91 -5.17
N LEU A 99 -9.16 -20.33 -4.01
CA LEU A 99 -9.61 -18.83 -3.92
C LEU A 99 -8.28 -18.10 -4.15
N LEU A 100 -8.52 -16.78 -4.75
CA LEU A 100 -7.40 -15.78 -4.86
C LEU A 100 -7.92 -14.60 -3.85
N MET A 101 -7.16 -14.47 -2.87
CA MET A 101 -7.49 -13.54 -1.79
C MET A 101 -6.45 -12.51 -1.70
N TYR A 102 -6.90 -11.29 -1.19
CA TYR A 102 -5.93 -10.41 -0.56
C TYR A 102 -5.69 -10.55 0.97
N ALA A 103 -4.58 -10.22 1.57
CA ALA A 103 -4.19 -10.51 2.85
C ALA A 103 -5.19 -9.98 3.87
N ASN A 104 -5.62 -8.78 3.54
CA ASN A 104 -6.52 -8.19 4.73
C ASN A 104 -7.90 -9.00 4.91
N LEU A 105 -8.43 -9.54 3.85
CA LEU A 105 -9.65 -10.35 3.78
C LEU A 105 -9.35 -11.65 4.58
N VAL A 106 -8.18 -12.11 4.57
CA VAL A 106 -7.93 -13.37 5.33
C VAL A 106 -7.62 -13.02 6.81
N PHE A 107 -6.92 -11.85 7.07
CA PHE A 107 -6.37 -11.57 8.33
C PHE A 107 -7.56 -10.85 9.19
N ASN A 108 -8.52 -10.34 8.47
CA ASN A 108 -9.61 -9.52 9.03
C ASN A 108 -10.19 -10.01 10.28
N ASN A 109 -10.70 -11.21 10.30
CA ASN A 109 -11.23 -11.61 11.56
C ASN A 109 -10.61 -12.73 12.10
N GLY A 110 -9.30 -12.93 11.82
CA GLY A 110 -8.48 -13.95 12.44
C GLY A 110 -8.11 -15.00 11.27
N ILE A 111 -6.82 -15.25 11.26
CA ILE A 111 -6.35 -15.98 10.08
C ILE A 111 -6.80 -17.40 10.29
N ASP A 112 -6.64 -17.98 11.48
CA ASP A 112 -7.33 -19.31 11.62
C ASP A 112 -8.68 -19.42 11.31
N ALA A 113 -9.61 -18.48 11.75
CA ALA A 113 -10.89 -18.62 11.32
C ALA A 113 -11.26 -18.54 9.92
N PHE A 114 -10.41 -17.77 9.09
CA PHE A 114 -10.73 -17.70 7.78
C PHE A 114 -10.46 -19.17 7.15
N TYR A 115 -9.47 -19.79 7.51
CA TYR A 115 -9.11 -21.12 6.81
C TYR A 115 -10.12 -22.12 7.40
N ALA A 116 -10.53 -21.93 8.70
CA ALA A 116 -11.76 -22.72 8.96
C ALA A 116 -12.93 -22.61 8.30
N ARG A 117 -13.44 -21.43 7.88
CA ARG A 117 -14.54 -21.25 7.12
C ARG A 117 -14.34 -21.84 5.58
N CYS A 118 -13.04 -21.67 5.10
CA CYS A 118 -12.85 -22.28 3.78
C CYS A 118 -13.05 -23.87 3.92
N GLU A 119 -12.51 -24.35 4.93
CA GLU A 119 -12.71 -25.88 5.19
C GLU A 119 -14.16 -26.20 5.29
N GLN A 120 -14.94 -25.45 6.06
CA GLN A 120 -16.31 -25.68 5.97
C GLN A 120 -17.07 -25.63 4.86
N VAL A 121 -16.84 -24.74 3.85
CA VAL A 121 -17.64 -24.69 2.85
C VAL A 121 -16.93 -25.63 1.70
N GLY A 122 -15.71 -26.18 2.05
CA GLY A 122 -15.33 -26.98 0.90
C GLY A 122 -14.39 -26.57 -0.21
N VAL A 123 -13.80 -25.43 0.02
CA VAL A 123 -12.64 -24.96 -0.70
C VAL A 123 -11.47 -25.79 -0.40
N ASP A 124 -10.58 -25.86 -1.54
CA ASP A 124 -9.43 -26.72 -1.47
C ASP A 124 -8.14 -26.10 -1.45
N SER A 125 -8.04 -24.78 -1.98
CA SER A 125 -6.76 -24.04 -1.92
C SER A 125 -7.07 -22.37 -1.76
N VAL A 126 -6.00 -21.86 -1.27
CA VAL A 126 -6.13 -20.25 -1.28
C VAL A 126 -4.68 -19.85 -1.56
N LEU A 127 -4.68 -18.81 -2.61
CA LEU A 127 -3.38 -18.16 -2.88
C LEU A 127 -3.67 -16.50 -2.45
N VAL A 128 -2.76 -16.19 -1.65
CA VAL A 128 -2.91 -14.76 -0.96
C VAL A 128 -1.89 -13.94 -1.86
N ALA A 129 -2.56 -13.05 -2.64
CA ALA A 129 -1.72 -12.41 -3.78
C ALA A 129 -0.59 -11.47 -3.17
N ASP A 130 -0.82 -10.82 -1.97
CA ASP A 130 0.23 -10.04 -1.30
C ASP A 130 0.91 -10.48 -0.21
N VAL A 131 0.98 -11.91 -0.07
CA VAL A 131 1.85 -12.43 0.90
C VAL A 131 3.00 -13.16 0.34
N PRO A 132 4.18 -12.67 0.36
CA PRO A 132 5.32 -13.41 -0.33
C PRO A 132 5.73 -14.64 0.54
N VAL A 133 6.53 -15.58 -0.04
CA VAL A 133 6.99 -16.57 1.01
C VAL A 133 7.55 -16.17 2.26
N GLU A 134 8.35 -15.00 2.31
CA GLU A 134 8.92 -14.63 3.50
C GLU A 134 7.84 -14.17 4.59
N GLU A 135 6.70 -13.92 4.22
CA GLU A 135 5.68 -13.45 5.30
C GLU A 135 4.66 -14.59 5.49
N SER A 136 4.89 -15.82 4.91
CA SER A 136 3.73 -16.62 4.66
C SER A 136 3.56 -17.62 6.00
N ALA A 137 4.40 -17.58 6.88
CA ALA A 137 4.31 -18.67 8.00
C ALA A 137 2.94 -18.88 8.60
N PRO A 138 2.31 -17.85 9.18
CA PRO A 138 0.97 -18.07 9.65
C PRO A 138 -0.07 -18.40 8.81
N PHE A 139 -0.09 -18.00 7.51
CA PHE A 139 -1.08 -18.26 6.65
C PHE A 139 -0.89 -19.87 6.14
N ARG A 140 0.35 -20.14 5.86
CA ARG A 140 0.56 -21.62 5.41
C ARG A 140 0.17 -22.55 6.62
N GLN A 141 0.61 -22.20 7.77
CA GLN A 141 0.39 -23.13 9.00
C GLN A 141 -0.96 -23.27 9.21
N ALA A 142 -1.79 -22.15 9.07
CA ALA A 142 -3.09 -22.22 9.40
C ALA A 142 -3.81 -23.02 8.28
N ALA A 143 -3.48 -22.82 7.01
CA ALA A 143 -4.14 -23.37 5.92
C ALA A 143 -3.93 -24.99 6.16
N LEU A 144 -2.77 -25.47 6.24
CA LEU A 144 -2.31 -26.85 6.65
C LEU A 144 -3.20 -27.45 7.71
N ARG A 145 -3.26 -26.68 8.80
CA ARG A 145 -4.21 -27.17 9.90
C ARG A 145 -5.58 -27.34 9.47
N HIS A 146 -6.29 -26.75 8.47
CA HIS A 146 -7.59 -26.93 8.06
C HIS A 146 -7.77 -27.64 6.71
N ASN A 147 -6.66 -28.28 6.33
CA ASN A 147 -6.70 -29.21 5.20
C ASN A 147 -6.99 -28.42 3.87
N ILE A 148 -6.28 -27.28 3.86
CA ILE A 148 -6.46 -26.42 2.67
C ILE A 148 -4.94 -26.17 2.21
N ALA A 149 -4.77 -26.27 0.87
CA ALA A 149 -3.46 -26.11 0.38
C ALA A 149 -3.10 -24.58 0.18
N PRO A 150 -2.05 -24.25 0.67
CA PRO A 150 -1.57 -22.81 0.46
C PRO A 150 -0.81 -22.79 -0.96
N ILE A 151 -1.30 -21.97 -1.85
CA ILE A 151 -0.67 -21.90 -3.24
C ILE A 151 0.33 -20.74 -3.26
N PHE A 152 1.53 -20.97 -3.86
CA PHE A 152 2.51 -19.95 -4.01
C PHE A 152 2.81 -19.61 -5.49
N ILE A 153 3.01 -18.33 -5.76
CA ILE A 153 3.64 -18.00 -7.10
C ILE A 153 5.05 -18.14 -7.09
N CYS A 154 5.48 -18.81 -8.29
CA CYS A 154 6.86 -19.04 -8.45
C CYS A 154 7.21 -18.05 -9.69
N PRO A 155 7.96 -17.03 -9.48
CA PRO A 155 8.13 -16.10 -10.60
C PRO A 155 9.20 -16.69 -11.54
N PRO A 156 9.29 -16.13 -12.70
CA PRO A 156 10.14 -16.72 -13.80
C PRO A 156 11.63 -16.52 -13.63
N ASN A 157 12.11 -15.72 -12.69
CA ASN A 157 13.52 -15.49 -12.49
C ASN A 157 13.80 -16.06 -11.07
N ALA A 158 13.00 -17.01 -10.57
CA ALA A 158 13.27 -17.48 -9.21
C ALA A 158 14.66 -18.07 -9.03
N ASP A 159 15.38 -17.53 -8.11
CA ASP A 159 16.59 -18.14 -7.74
C ASP A 159 16.35 -19.54 -7.02
N ASP A 160 17.45 -20.27 -6.80
CA ASP A 160 17.36 -21.60 -6.26
C ASP A 160 16.71 -21.64 -4.80
N ASP A 161 17.03 -20.63 -4.01
CA ASP A 161 16.49 -20.53 -2.60
C ASP A 161 14.99 -20.49 -2.70
N LEU A 162 14.44 -19.69 -3.55
CA LEU A 162 13.12 -19.56 -3.68
C LEU A 162 12.43 -20.73 -4.23
N LEU A 163 13.01 -21.31 -5.29
CA LEU A 163 12.48 -22.60 -5.74
C LEU A 163 12.34 -23.67 -4.60
N ARG A 164 13.28 -23.74 -3.75
CA ARG A 164 13.41 -24.70 -2.73
C ARG A 164 12.21 -24.39 -1.76
N GLN A 165 12.04 -23.09 -1.55
CA GLN A 165 10.95 -22.64 -0.61
C GLN A 165 9.72 -22.84 -1.15
N VAL A 166 9.40 -22.39 -2.34
CA VAL A 166 8.15 -22.62 -2.89
C VAL A 166 7.72 -24.25 -2.95
N ALA A 167 8.78 -25.00 -3.25
CA ALA A 167 8.49 -26.49 -3.35
C ALA A 167 8.19 -27.02 -1.95
N SER A 168 8.83 -26.56 -0.98
CA SER A 168 8.65 -27.06 0.43
C SER A 168 7.33 -26.56 1.00
N TYR A 169 7.09 -25.25 0.84
CA TYR A 169 5.79 -24.70 1.39
C TYR A 169 4.51 -24.82 0.78
N GLY A 170 4.34 -24.96 -0.54
CA GLY A 170 3.14 -25.07 -1.21
C GLY A 170 2.46 -26.45 -1.29
N ARG A 171 1.24 -26.44 -1.66
CA ARG A 171 0.50 -27.80 -1.92
C ARG A 171 -0.42 -27.58 -2.87
N GLY A 172 -1.03 -28.70 -3.45
CA GLY A 172 -2.09 -28.61 -4.33
C GLY A 172 -1.50 -28.37 -5.74
N TYR A 173 -1.07 -27.15 -6.06
CA TYR A 173 -0.32 -26.89 -7.34
C TYR A 173 0.65 -25.74 -7.09
N THR A 174 1.61 -25.55 -8.00
CA THR A 174 2.58 -24.45 -7.86
C THR A 174 2.10 -23.47 -8.96
N TYR A 175 1.95 -22.12 -8.63
CA TYR A 175 1.41 -21.20 -9.60
C TYR A 175 2.62 -20.62 -10.34
N LEU A 176 2.76 -20.94 -11.68
CA LEU A 176 4.13 -20.74 -12.26
C LEU A 176 3.76 -19.67 -13.22
N LEU A 177 4.35 -18.60 -12.83
CA LEU A 177 3.96 -17.32 -13.42
C LEU A 177 4.78 -17.17 -14.79
N SER A 178 4.09 -16.78 -15.84
CA SER A 178 4.73 -16.82 -17.13
C SER A 178 5.49 -15.44 -17.41
N ALA A 190 15.23 -13.22 -15.70
CA ALA A 190 14.87 -13.77 -17.00
C ALA A 190 14.24 -15.21 -17.06
N LEU A 191 15.02 -16.23 -17.47
CA LEU A 191 14.80 -17.66 -17.13
C LEU A 191 13.99 -18.88 -17.73
N PRO A 192 14.65 -19.79 -18.42
CA PRO A 192 13.97 -20.80 -19.31
C PRO A 192 12.94 -21.70 -18.60
N LEU A 193 11.81 -21.99 -19.26
CA LEU A 193 10.73 -22.81 -18.69
C LEU A 193 11.23 -24.14 -18.12
N HIS A 194 12.08 -24.63 -18.99
CA HIS A 194 12.38 -25.95 -19.03
C HIS A 194 13.25 -26.06 -17.73
N HIS A 195 13.98 -25.02 -17.35
CA HIS A 195 14.73 -25.04 -16.12
C HIS A 195 13.77 -24.97 -14.83
N LEU A 196 12.77 -24.14 -14.87
CA LEU A 196 12.05 -23.84 -13.67
C LEU A 196 11.26 -25.11 -13.39
N ILE A 197 10.69 -25.60 -14.43
CA ILE A 197 9.91 -26.84 -14.35
C ILE A 197 10.67 -28.04 -13.79
N GLU A 198 11.93 -28.24 -14.22
CA GLU A 198 12.73 -29.41 -13.82
C GLU A 198 13.18 -29.31 -12.45
N LYS A 199 13.53 -28.09 -12.11
CA LYS A 199 13.93 -27.86 -10.76
C LYS A 199 12.70 -28.06 -9.71
N LEU A 200 11.48 -27.65 -10.16
CA LEU A 200 10.31 -27.69 -9.21
C LEU A 200 10.10 -29.30 -9.05
N LYS A 201 10.23 -30.11 -10.18
CA LYS A 201 10.15 -31.61 -9.99
C LYS A 201 11.18 -32.21 -9.15
N GLU A 202 12.40 -31.79 -9.29
CA GLU A 202 13.51 -32.20 -8.56
C GLU A 202 13.29 -31.97 -7.03
N TYR A 203 12.69 -30.78 -6.74
CA TYR A 203 12.48 -30.49 -5.29
C TYR A 203 11.16 -30.99 -4.89
N HIS A 204 10.43 -31.78 -5.70
CA HIS A 204 9.12 -32.44 -5.42
C HIS A 204 8.01 -31.42 -4.98
N ALA A 205 7.97 -30.41 -5.70
CA ALA A 205 6.92 -29.42 -5.58
C ALA A 205 5.62 -29.89 -6.07
N ALA A 206 4.52 -29.23 -5.64
CA ALA A 206 3.25 -29.47 -6.15
C ALA A 206 3.25 -29.27 -7.67
N PRO A 207 2.40 -29.99 -8.40
CA PRO A 207 2.46 -29.95 -9.89
C PRO A 207 2.27 -28.50 -10.38
N ALA A 208 3.05 -28.08 -11.39
CA ALA A 208 2.88 -26.73 -11.94
C ALA A 208 1.86 -26.43 -12.79
N LEU A 209 1.14 -25.33 -12.57
CA LEU A 209 0.16 -24.83 -13.46
C LEU A 209 0.70 -23.52 -14.09
N GLN A 210 0.75 -23.41 -15.42
CA GLN A 210 1.28 -22.09 -15.86
C GLN A 210 0.20 -21.26 -16.06
N GLY A 211 0.46 -19.86 -15.51
CA GLY A 211 -0.64 -18.86 -15.65
C GLY A 211 -0.19 -17.31 -15.89
N PHE A 212 -1.13 -16.48 -16.28
CA PHE A 212 -0.89 -15.10 -16.89
C PHE A 212 -0.58 -15.15 -18.38
N GLY A 213 -1.46 -14.52 -19.08
CA GLY A 213 -1.05 -14.34 -20.56
C GLY A 213 -1.65 -15.65 -21.30
N ILE A 214 -2.29 -16.56 -20.49
CA ILE A 214 -2.66 -17.84 -21.24
C ILE A 214 -3.96 -17.57 -21.93
N SER A 215 -4.08 -17.27 -23.27
CA SER A 215 -5.33 -16.96 -23.88
C SER A 215 -5.80 -17.59 -25.23
N SER A 216 -5.01 -18.62 -25.65
CA SER A 216 -5.38 -19.42 -26.89
C SER A 216 -4.94 -20.94 -26.64
N PRO A 217 -5.62 -21.74 -27.39
CA PRO A 217 -5.31 -23.16 -27.23
C PRO A 217 -3.96 -23.51 -27.37
N GLU A 218 -3.23 -22.88 -28.29
CA GLU A 218 -1.87 -23.34 -28.36
C GLU A 218 -0.97 -23.12 -27.29
N GLN A 219 -1.37 -22.10 -26.44
CA GLN A 219 -0.56 -22.14 -25.23
C GLN A 219 -0.74 -23.07 -24.11
N VAL A 220 -1.92 -23.56 -24.12
CA VAL A 220 -2.24 -24.74 -23.17
C VAL A 220 -1.30 -26.03 -23.65
N SER A 221 -1.25 -26.33 -25.01
CA SER A 221 -0.48 -27.51 -25.51
C SER A 221 0.86 -27.30 -25.22
N ALA A 222 1.38 -26.14 -25.40
CA ALA A 222 2.74 -25.86 -25.09
C ALA A 222 3.17 -25.97 -23.63
N ALA A 223 2.20 -25.48 -22.81
CA ALA A 223 2.66 -25.61 -21.41
C ALA A 223 2.74 -27.18 -20.94
N VAL A 224 1.83 -27.94 -21.45
CA VAL A 224 1.95 -29.41 -21.21
C VAL A 224 3.24 -29.99 -21.72
N ARG A 225 3.57 -29.62 -22.96
CA ARG A 225 4.82 -30.16 -23.59
C ARG A 225 6.04 -29.75 -22.85
N ALA A 226 6.02 -28.50 -22.32
CA ALA A 226 7.15 -28.01 -21.55
C ALA A 226 7.23 -28.76 -20.18
N GLY A 227 6.21 -29.60 -19.81
CA GLY A 227 6.37 -30.35 -18.57
C GLY A 227 5.33 -29.86 -17.40
N ALA A 228 4.51 -28.91 -17.71
CA ALA A 228 3.68 -28.40 -16.58
C ALA A 228 2.52 -29.30 -16.62
N ALA A 229 1.72 -29.36 -15.49
CA ALA A 229 0.49 -29.97 -15.53
C ALA A 229 -0.64 -29.52 -15.99
N GLY A 230 -0.64 -28.17 -16.37
CA GLY A 230 -1.76 -27.68 -16.99
C GLY A 230 -1.53 -26.04 -16.98
N ALA A 231 -2.63 -25.45 -17.30
CA ALA A 231 -2.59 -23.99 -17.38
C ALA A 231 -3.84 -23.37 -16.80
N ILE A 232 -3.66 -22.03 -16.35
CA ILE A 232 -4.79 -21.21 -15.81
C ILE A 232 -5.05 -19.94 -16.67
N SER A 233 -6.16 -19.69 -16.99
CA SER A 233 -6.67 -18.55 -17.79
C SER A 233 -7.60 -17.70 -17.05
N GLY A 234 -7.32 -16.36 -16.97
CA GLY A 234 -8.38 -15.53 -16.21
C GLY A 234 -8.61 -14.21 -17.01
N SER A 235 -7.57 -13.50 -17.26
CA SER A 235 -7.93 -12.25 -17.94
C SER A 235 -8.81 -12.56 -19.05
N ALA A 236 -8.39 -13.62 -19.77
CA ALA A 236 -9.24 -14.03 -20.93
C ALA A 236 -10.69 -14.37 -20.65
N ILE A 237 -10.97 -14.99 -19.50
CA ILE A 237 -12.33 -15.39 -19.35
C ILE A 237 -13.11 -14.04 -18.98
N VAL A 238 -12.43 -13.30 -18.13
CA VAL A 238 -13.00 -12.03 -17.61
C VAL A 238 -13.35 -11.07 -18.76
N LYS A 239 -12.49 -10.96 -19.81
CA LYS A 239 -12.91 -10.13 -20.93
C LYS A 239 -14.08 -10.50 -21.62
N ILE A 240 -14.33 -11.86 -21.72
CA ILE A 240 -15.55 -12.30 -22.39
C ILE A 240 -16.76 -11.82 -21.63
N ILE A 241 -16.68 -11.88 -20.32
CA ILE A 241 -17.80 -11.29 -19.55
C ILE A 241 -17.97 -9.77 -19.86
N GLU A 242 -16.85 -9.07 -19.76
CA GLU A 242 -16.84 -7.60 -19.93
C GLU A 242 -17.43 -7.25 -21.29
N LYS A 243 -16.98 -7.94 -22.32
CA LYS A 243 -17.73 -7.80 -23.61
C LYS A 243 -19.18 -8.15 -23.85
N ASN A 244 -19.80 -9.02 -23.06
CA ASN A 244 -21.08 -9.33 -23.48
C ASN A 244 -22.02 -9.00 -22.39
N LEU A 245 -21.70 -8.00 -21.54
CA LEU A 245 -22.63 -7.75 -20.45
C LEU A 245 -23.97 -7.59 -20.79
N ALA A 246 -24.22 -7.03 -21.96
CA ALA A 246 -25.65 -6.69 -22.25
C ALA A 246 -26.49 -7.79 -22.76
N SER A 247 -25.84 -8.91 -23.11
CA SER A 247 -26.51 -10.10 -23.62
C SER A 247 -25.90 -11.23 -22.83
N PRO A 248 -26.52 -11.54 -21.69
CA PRO A 248 -26.08 -12.71 -20.87
C PRO A 248 -26.06 -14.04 -21.73
N LYS A 249 -27.03 -14.29 -22.56
CA LYS A 249 -27.08 -15.57 -23.31
C LYS A 249 -25.93 -15.72 -24.25
N GLN A 250 -25.64 -14.66 -25.02
CA GLN A 250 -24.42 -14.69 -25.79
C GLN A 250 -23.16 -14.80 -24.90
N MET A 251 -23.09 -14.17 -23.67
CA MET A 251 -21.92 -14.32 -22.79
C MET A 251 -21.65 -15.86 -22.51
N LEU A 252 -22.72 -16.51 -22.10
CA LEU A 252 -22.65 -17.96 -21.78
C LEU A 252 -22.15 -18.80 -23.01
N ALA A 253 -22.72 -18.51 -24.20
CA ALA A 253 -22.13 -19.10 -25.47
C ALA A 253 -20.75 -18.89 -25.78
N GLU A 254 -20.27 -17.61 -25.77
CA GLU A 254 -18.83 -17.50 -25.89
C GLU A 254 -17.96 -18.06 -24.83
N LEU A 255 -18.42 -18.00 -23.57
CA LEU A 255 -17.58 -18.70 -22.60
C LEU A 255 -17.46 -20.29 -22.87
N ARG A 256 -18.58 -20.89 -23.22
CA ARG A 256 -18.63 -22.41 -23.38
C ARG A 256 -17.67 -22.64 -24.52
N SER A 257 -17.81 -21.83 -25.61
CA SER A 257 -16.80 -22.08 -26.77
C SER A 257 -15.41 -21.94 -26.45
N PHE A 258 -15.00 -20.81 -25.78
CA PHE A 258 -13.65 -20.68 -25.43
C PHE A 258 -13.12 -21.83 -24.49
N VAL A 259 -13.93 -22.08 -23.43
CA VAL A 259 -13.44 -23.10 -22.52
C VAL A 259 -13.33 -24.51 -23.23
N SER A 260 -14.31 -24.84 -23.99
CA SER A 260 -14.24 -26.16 -24.75
C SER A 260 -12.98 -26.30 -25.58
N ALA A 261 -12.64 -25.20 -26.25
CA ALA A 261 -11.29 -25.14 -27.03
C ALA A 261 -10.11 -25.21 -26.30
N MET A 262 -10.05 -24.52 -25.08
CA MET A 262 -8.88 -24.60 -24.33
C MET A 262 -8.69 -26.00 -23.75
N LYS A 263 -9.84 -26.63 -23.42
CA LYS A 263 -9.60 -27.88 -22.57
C LYS A 263 -9.33 -28.97 -23.74
N ALA A 264 -10.00 -28.83 -24.89
CA ALA A 264 -9.56 -29.85 -25.93
C ALA A 264 -8.03 -29.74 -26.22
N ALA A 265 -7.43 -28.52 -26.23
CA ALA A 265 -5.91 -28.49 -26.36
C ALA A 265 -5.06 -29.19 -25.33
N SER A 266 -5.66 -29.56 -24.12
CA SER A 266 -4.85 -30.20 -23.09
C SER A 266 -4.78 -31.70 -23.20
N ARG A 267 -5.70 -32.18 -24.09
CA ARG A 267 -5.95 -33.64 -24.39
C ARG A 267 -4.76 -34.17 -25.26
N ALA A 268 -4.38 -33.28 -26.14
CA ALA A 268 -3.07 -32.99 -26.61
C ALA A 268 -3.27 -31.70 -27.53
N THR B 1 14.57 -12.90 3.85
CA THR B 1 15.85 -12.69 4.63
C THR B 1 16.13 -11.23 4.41
N THR B 2 16.46 -10.55 5.43
CA THR B 2 16.69 -9.06 5.22
C THR B 2 17.72 -8.68 6.00
N LEU B 3 18.46 -7.49 5.73
CA LEU B 3 19.49 -7.02 6.50
C LEU B 3 19.17 -6.23 7.92
N LEU B 4 18.04 -5.64 7.77
CA LEU B 4 17.57 -4.90 8.93
C LEU B 4 16.11 -5.51 9.19
N ASN B 5 15.69 -5.14 10.50
CA ASN B 5 14.27 -5.52 10.72
C ASN B 5 13.17 -5.22 10.13
N PRO B 6 12.24 -5.66 9.51
CA PRO B 6 11.21 -5.12 8.81
C PRO B 6 9.91 -4.56 9.77
N TYR B 7 10.17 -5.09 10.98
CA TYR B 7 8.95 -4.89 11.88
C TYR B 7 9.36 -3.92 13.10
N PHE B 8 8.26 -3.21 13.67
CA PHE B 8 8.41 -2.46 14.91
C PHE B 8 7.13 -3.14 15.84
N GLY B 9 7.84 -3.96 16.56
CA GLY B 9 6.88 -4.94 17.26
C GLY B 9 6.04 -5.62 16.39
N GLU B 10 4.76 -5.67 16.49
CA GLU B 10 3.92 -6.39 15.54
C GLU B 10 3.68 -5.78 14.13
N PHE B 11 4.13 -4.45 13.98
CA PHE B 11 3.58 -3.78 12.86
C PHE B 11 4.77 -3.61 11.73
N GLY B 12 4.27 -3.49 10.48
CA GLY B 12 5.44 -3.37 9.49
C GLY B 12 5.29 -4.67 8.49
N GLY B 13 6.46 -4.99 8.17
CA GLY B 13 6.63 -6.24 7.33
C GLY B 13 6.68 -5.85 5.82
N MET B 14 6.65 -6.87 4.95
CA MET B 14 6.62 -6.62 3.49
C MET B 14 5.58 -7.37 2.88
N TYR B 15 4.39 -7.00 2.88
CA TYR B 15 3.28 -7.60 2.27
C TYR B 15 2.97 -7.24 0.86
N VAL B 16 3.89 -7.77 -0.01
CA VAL B 16 3.70 -7.40 -1.42
C VAL B 16 3.74 -8.83 -2.30
N PRO B 17 3.23 -8.71 -3.42
CA PRO B 17 3.33 -9.85 -4.34
C PRO B 17 4.77 -10.17 -4.45
N GLN B 18 5.00 -11.60 -4.67
CA GLN B 18 6.36 -12.12 -4.67
C GLN B 18 7.44 -11.38 -5.78
N ILE B 19 6.73 -11.08 -6.73
CA ILE B 19 7.60 -10.54 -7.98
C ILE B 19 8.10 -9.11 -7.53
N LEU B 20 7.50 -8.42 -6.41
CA LEU B 20 8.21 -7.19 -5.89
C LEU B 20 9.17 -7.33 -4.99
N MET B 21 9.45 -8.60 -4.38
CA MET B 21 10.48 -8.75 -3.49
C MET B 21 11.99 -8.32 -3.80
N PRO B 22 12.37 -8.78 -5.01
CA PRO B 22 13.79 -8.38 -5.40
C PRO B 22 14.04 -6.74 -5.45
N ALA B 23 13.00 -6.13 -5.87
CA ALA B 23 13.12 -4.52 -5.84
C ALA B 23 13.26 -4.09 -4.34
N LEU B 24 12.50 -4.70 -3.48
CA LEU B 24 12.77 -4.32 -2.06
C LEU B 24 13.93 -4.64 -1.48
N ASN B 25 14.40 -5.92 -1.74
CA ASN B 25 15.66 -6.21 -1.22
C ASN B 25 16.98 -5.46 -1.76
N GLN B 26 16.76 -5.20 -3.09
CA GLN B 26 17.86 -4.48 -3.80
C GLN B 26 17.92 -2.91 -3.05
N LEU B 27 16.73 -2.39 -2.87
CA LEU B 27 16.63 -1.01 -2.15
C LEU B 27 17.25 -1.06 -0.84
N GLU B 28 16.90 -2.16 -0.01
CA GLU B 28 17.41 -2.16 1.21
C GLU B 28 18.75 -2.23 1.38
N GLU B 29 19.49 -3.15 0.37
CA GLU B 29 20.95 -3.27 0.40
C GLU B 29 21.67 -1.86 -0.03
N ALA B 30 21.00 -1.27 -1.01
CA ALA B 30 21.56 0.16 -1.64
C ALA B 30 21.62 1.09 -0.34
N PHE B 31 20.37 1.02 0.30
CA PHE B 31 20.33 2.02 1.55
C PHE B 31 21.36 1.70 2.64
N VAL B 32 21.58 0.41 3.15
CA VAL B 32 22.58 0.06 4.04
C VAL B 32 23.95 0.50 3.74
N SER B 33 24.23 0.31 2.45
CA SER B 33 25.55 0.66 1.90
C SER B 33 25.73 2.25 1.88
N ALA B 34 24.71 2.85 1.46
CA ALA B 34 24.80 4.42 1.48
C ALA B 34 24.97 4.98 2.87
N GLN B 35 24.26 4.38 3.82
CA GLN B 35 24.41 4.90 5.19
C GLN B 35 25.74 4.74 5.80
N LYS B 36 26.63 3.81 5.35
CA LYS B 36 27.93 3.81 5.84
C LYS B 36 29.00 4.59 4.84
N ASP B 37 28.54 5.15 3.80
CA ASP B 37 29.26 5.56 2.62
C ASP B 37 29.72 6.98 2.83
N PRO B 38 30.75 7.43 3.33
CA PRO B 38 30.81 8.91 3.77
C PRO B 38 30.58 9.94 2.70
N GLU B 39 30.93 9.49 1.50
CA GLU B 39 30.65 10.29 0.27
C GLU B 39 29.21 10.54 0.04
N PHE B 40 28.35 9.58 0.31
CA PHE B 40 26.96 9.71 -0.01
C PHE B 40 26.45 10.72 1.06
N GLN B 41 26.90 10.49 2.26
CA GLN B 41 26.42 11.33 3.36
C GLN B 41 26.84 12.77 3.06
N ALA B 42 27.93 13.08 2.49
CA ALA B 42 28.33 14.50 2.14
C ALA B 42 27.61 15.04 0.97
N GLN B 43 27.29 14.32 -0.10
CA GLN B 43 26.52 14.67 -1.11
C GLN B 43 25.05 15.05 -0.71
N PHE B 44 24.40 14.25 0.09
CA PHE B 44 23.08 14.55 0.57
C PHE B 44 23.23 15.87 1.52
N ALA B 45 24.23 15.96 2.39
CA ALA B 45 24.32 17.07 3.36
C ALA B 45 24.38 18.47 2.44
N ASP B 46 25.24 18.28 1.37
CA ASP B 46 25.40 19.49 0.50
C ASP B 46 24.16 19.83 -0.22
N LEU B 47 23.21 18.97 -0.82
CA LEU B 47 22.03 19.29 -1.51
C LEU B 47 21.05 20.10 -0.39
N LEU B 48 21.08 19.37 0.78
CA LEU B 48 20.03 19.88 1.72
C LEU B 48 20.67 21.35 2.18
N LYS B 49 21.91 21.59 2.35
CA LYS B 49 22.41 22.98 2.73
C LYS B 49 22.09 23.96 1.53
N ASN B 50 22.75 23.71 0.37
CA ASN B 50 22.64 24.61 -0.76
C ASN B 50 21.73 24.64 -1.60
N TYR B 51 20.75 23.74 -1.80
CA TYR B 51 19.73 23.74 -2.57
C TYR B 51 18.44 23.89 -1.86
N ALA B 52 18.35 22.96 -0.78
CA ALA B 52 16.99 23.13 -0.19
C ALA B 52 16.94 24.25 1.09
N GLY B 53 18.02 24.62 1.49
CA GLY B 53 17.90 25.69 2.39
C GLY B 53 18.03 25.34 3.81
N ARG B 54 18.57 24.11 4.28
CA ARG B 54 18.88 23.68 5.65
C ARG B 54 19.95 24.31 6.18
N PRO B 55 20.16 24.57 7.58
CA PRO B 55 19.06 24.29 8.56
C PRO B 55 18.02 25.23 8.48
N THR B 56 16.73 24.97 8.86
CA THR B 56 15.43 25.59 8.91
C THR B 56 15.47 26.30 10.42
N ALA B 57 14.87 27.63 10.23
CA ALA B 57 15.02 28.26 11.62
C ALA B 57 13.99 27.51 12.72
N LEU B 58 14.27 27.98 13.93
CA LEU B 58 13.27 27.44 15.21
C LEU B 58 12.59 29.03 15.63
N THR B 59 11.43 29.21 15.34
CA THR B 59 10.94 30.69 15.61
C THR B 59 10.21 30.53 17.08
N LYS B 60 10.75 31.52 17.88
CA LYS B 60 9.74 31.74 19.25
C LYS B 60 8.57 32.38 18.95
N CYS B 61 7.34 32.08 19.35
CA CYS B 61 6.07 32.70 19.04
C CYS B 61 5.65 33.42 20.40
N GLN B 62 6.31 34.38 20.79
CA GLN B 62 5.84 35.25 22.01
C GLN B 62 4.49 35.82 21.94
N ASN B 63 3.91 36.28 20.83
CA ASN B 63 2.56 36.88 20.82
C ASN B 63 1.49 35.95 21.12
N ILE B 64 1.61 34.76 20.56
CA ILE B 64 0.47 33.69 20.85
C ILE B 64 0.52 33.29 22.29
N THR B 65 1.52 33.35 22.95
CA THR B 65 1.52 32.67 24.33
C THR B 65 1.35 33.74 25.49
N ALA B 66 1.04 35.01 25.03
CA ALA B 66 1.25 36.01 26.14
C ALA B 66 0.08 35.76 27.23
N GLY B 67 0.61 36.04 28.39
CA GLY B 67 -0.28 35.94 29.59
C GLY B 67 -0.44 34.48 30.01
N THR B 68 0.32 33.59 29.36
CA THR B 68 0.41 32.15 29.91
C THR B 68 1.70 31.84 30.23
N ARG B 69 2.02 30.60 30.80
CA ARG B 69 3.23 30.20 31.17
C ARG B 69 3.83 28.97 29.98
N THR B 70 3.24 29.19 28.89
CA THR B 70 3.72 28.28 27.69
C THR B 70 4.99 29.09 26.95
N THR B 71 6.08 28.41 26.60
CA THR B 71 7.10 29.10 25.68
C THR B 71 6.83 28.28 24.40
N LEU B 72 6.51 28.80 23.25
CA LEU B 72 6.11 27.91 22.10
C LEU B 72 7.29 28.28 20.98
N TYR B 73 7.89 27.20 20.45
CA TYR B 73 8.77 27.48 19.20
C TYR B 73 8.21 26.65 18.06
N LEU B 74 8.48 27.09 16.78
CA LEU B 74 7.87 26.62 15.62
C LEU B 74 9.09 26.16 14.82
N LYS B 75 9.26 24.88 14.55
CA LYS B 75 10.40 24.50 13.60
C LYS B 75 9.84 24.64 12.22
N ARG B 76 10.83 25.48 11.44
CA ARG B 76 10.17 26.02 10.32
C ARG B 76 10.43 25.24 9.01
N GLU B 77 9.72 24.08 8.84
CA GLU B 77 10.12 23.32 7.54
C GLU B 77 9.34 23.99 6.46
N ASP B 78 8.36 25.01 6.72
CA ASP B 78 7.62 25.83 5.74
C ASP B 78 8.74 26.75 4.94
N LEU B 79 9.83 26.84 5.49
CA LEU B 79 10.91 27.84 4.84
C LEU B 79 11.76 26.86 3.82
N LEU B 80 11.48 25.48 3.89
CA LEU B 80 12.43 24.65 3.01
C LEU B 80 11.93 24.77 1.59
N HIS B 81 12.92 24.72 0.71
CA HIS B 81 12.48 24.83 -0.66
C HIS B 81 11.28 23.92 -1.11
N GLY B 82 10.27 24.30 -1.76
CA GLY B 82 9.04 23.70 -2.20
C GLY B 82 7.93 23.76 -1.19
N GLY B 83 8.33 24.21 -0.06
CA GLY B 83 7.41 24.78 1.07
C GLY B 83 6.92 23.72 2.06
N ALA B 84 7.61 22.59 2.08
CA ALA B 84 7.11 21.42 3.15
C ALA B 84 8.23 20.59 3.31
N HIS B 85 8.31 19.79 4.37
CA HIS B 85 9.40 18.95 4.72
C HIS B 85 9.65 17.69 3.55
N LYS B 86 8.74 17.57 2.75
CA LYS B 86 8.57 16.35 1.80
C LYS B 86 9.91 16.46 1.03
N THR B 87 10.41 17.71 0.88
CA THR B 87 11.74 17.85 0.10
C THR B 87 12.91 17.16 0.63
N ASN B 88 13.17 16.96 2.01
CA ASN B 88 14.26 16.39 2.60
C ASN B 88 14.35 14.92 1.97
N GLN B 89 13.27 14.20 2.10
CA GLN B 89 13.55 12.72 1.82
C GLN B 89 13.52 12.47 0.30
N VAL B 90 12.82 13.22 -0.53
CA VAL B 90 12.97 13.01 -2.08
C VAL B 90 14.38 13.17 -2.61
N LEU B 91 15.17 14.12 -2.06
CA LEU B 91 16.55 14.40 -2.39
C LEU B 91 17.20 13.09 -2.03
N GLY B 92 17.04 12.60 -0.80
CA GLY B 92 17.78 11.40 -0.41
C GLY B 92 17.21 10.13 -1.23
N GLN B 93 15.99 10.02 -1.60
CA GLN B 93 15.51 8.70 -2.23
C GLN B 93 16.08 8.76 -3.73
N ALA B 94 16.18 9.95 -4.27
CA ALA B 94 16.74 10.21 -5.62
C ALA B 94 18.12 10.02 -5.58
N LEU B 95 18.95 10.39 -4.64
CA LEU B 95 20.32 10.17 -4.58
C LEU B 95 20.53 8.55 -4.53
N LEU B 96 19.70 7.83 -3.72
CA LEU B 96 19.74 6.29 -3.58
C LEU B 96 19.44 5.69 -5.08
N ALA B 97 18.52 6.26 -5.80
CA ALA B 97 18.02 5.84 -7.07
C ALA B 97 19.37 5.95 -7.98
N LYS B 98 20.02 7.10 -7.93
CA LYS B 98 21.34 7.20 -8.60
C LYS B 98 22.39 6.19 -8.17
N ARG B 99 22.58 5.82 -6.94
CA ARG B 99 23.56 5.06 -6.46
C ARG B 99 23.21 3.52 -7.11
N MET B 100 21.97 3.14 -7.29
CA MET B 100 21.63 1.87 -7.83
C MET B 100 21.79 1.85 -9.36
N GLY B 101 22.35 2.93 -9.98
CA GLY B 101 22.18 3.14 -11.44
C GLY B 101 20.94 3.36 -12.13
N LYS B 102 19.76 3.81 -11.47
CA LYS B 102 18.58 3.96 -12.03
C LYS B 102 18.47 5.31 -12.82
N SER B 103 17.59 5.35 -13.68
CA SER B 103 17.43 6.64 -14.47
C SER B 103 16.04 7.18 -14.43
N GLU B 104 15.08 6.46 -13.82
CA GLU B 104 13.69 6.71 -13.84
C GLU B 104 13.07 6.65 -12.25
N ILE B 105 12.07 7.50 -12.19
CA ILE B 105 11.30 7.63 -10.83
C ILE B 105 10.04 7.55 -11.18
N ILE B 106 9.27 6.59 -10.33
CA ILE B 106 7.82 6.35 -10.02
C ILE B 106 7.40 6.98 -8.64
N ALA B 107 6.34 7.71 -8.79
CA ALA B 107 5.67 8.32 -7.62
C ALA B 107 4.21 8.40 -7.67
N GLU B 108 3.68 8.44 -6.42
CA GLU B 108 2.21 8.46 -6.18
C GLU B 108 2.00 9.80 -5.46
N THR B 109 0.86 10.41 -5.70
CA THR B 109 0.51 11.62 -4.95
C THR B 109 -0.99 11.82 -4.78
N GLY B 110 -1.31 12.49 -3.61
CA GLY B 110 -2.77 12.80 -3.53
C GLY B 110 -3.20 14.26 -3.89
N ALA B 111 -2.77 15.14 -2.97
CA ALA B 111 -3.21 16.56 -3.08
C ALA B 111 -2.11 17.12 -4.13
N GLY B 112 -0.90 16.44 -4.18
CA GLY B 112 0.00 16.93 -5.24
C GLY B 112 1.21 17.37 -4.61
N GLN B 113 1.35 17.59 -3.29
CA GLN B 113 2.55 17.90 -2.73
C GLN B 113 3.69 16.95 -2.93
N HIS B 114 3.38 15.61 -2.74
CA HIS B 114 4.56 14.76 -2.89
C HIS B 114 4.95 14.63 -4.46
N GLY B 115 4.02 14.71 -5.27
CA GLY B 115 4.16 14.80 -6.77
C GLY B 115 5.18 15.88 -7.25
N VAL B 116 4.80 17.15 -7.04
CA VAL B 116 5.95 18.17 -6.92
C VAL B 116 7.13 17.94 -6.45
N ALA B 117 7.35 17.36 -5.19
CA ALA B 117 8.50 17.20 -4.62
C ALA B 117 9.39 16.24 -5.42
N SER B 118 8.60 15.21 -5.91
CA SER B 118 9.48 14.13 -6.44
C SER B 118 9.82 14.79 -7.95
N ALA B 119 8.85 15.53 -8.47
CA ALA B 119 9.23 16.25 -9.84
C ALA B 119 10.36 17.17 -9.56
N LEU B 120 10.39 17.99 -8.52
CA LEU B 120 11.65 18.82 -8.49
C LEU B 120 12.89 18.19 -8.25
N ALA B 121 12.99 16.96 -7.44
CA ALA B 121 14.22 16.39 -7.13
C ALA B 121 14.64 15.65 -8.57
N SER B 122 13.59 15.24 -9.25
CA SER B 122 14.00 14.33 -10.47
C SER B 122 14.63 15.44 -11.52
N ALA B 123 13.93 16.62 -11.53
CA ALA B 123 14.55 17.68 -12.42
C ALA B 123 15.90 18.03 -12.01
N LEU B 124 16.31 18.32 -10.76
CA LEU B 124 17.56 18.68 -10.38
C LEU B 124 18.70 17.51 -10.70
N LEU B 125 18.24 16.27 -10.49
CA LEU B 125 19.18 15.18 -10.42
C LEU B 125 19.16 14.40 -11.86
N GLY B 126 18.38 14.86 -12.76
CA GLY B 126 18.55 14.31 -14.10
C GLY B 126 17.86 12.88 -14.18
N LEU B 127 16.78 12.68 -13.50
CA LEU B 127 15.85 11.55 -13.60
C LEU B 127 14.72 11.75 -14.25
N LYS B 128 14.11 10.78 -15.02
CA LYS B 128 12.93 10.90 -15.72
C LYS B 128 11.76 10.43 -14.87
N CYS B 129 10.86 11.34 -14.55
CA CYS B 129 9.78 11.18 -13.54
C CYS B 129 8.51 11.01 -14.00
N ARG B 130 7.78 9.82 -13.53
CA ARG B 130 6.44 9.77 -13.89
C ARG B 130 5.71 9.49 -12.58
N ILE B 131 4.60 10.14 -12.51
CA ILE B 131 3.78 10.21 -11.36
C ILE B 131 2.33 9.75 -11.57
N TYR B 132 1.80 9.16 -10.44
CA TYR B 132 0.36 8.65 -10.56
C TYR B 132 -0.39 9.41 -9.50
N MET B 133 -1.49 9.86 -9.92
CA MET B 133 -2.43 10.75 -9.13
C MET B 133 -3.88 10.24 -9.41
N GLY B 134 -4.56 10.07 -8.25
CA GLY B 134 -5.95 9.64 -8.58
C GLY B 134 -6.71 10.72 -9.41
N ALA B 135 -7.55 10.35 -10.41
CA ALA B 135 -8.28 11.49 -11.20
C ALA B 135 -9.07 12.50 -10.34
N LYS B 136 -9.67 11.98 -9.22
CA LYS B 136 -10.38 12.94 -8.29
C LYS B 136 -9.41 13.95 -7.77
N ASP B 137 -8.22 13.51 -7.38
CA ASP B 137 -7.16 14.45 -6.89
C ASP B 137 -6.60 15.38 -8.14
N VAL B 138 -6.53 14.71 -9.36
CA VAL B 138 -6.27 15.48 -10.55
C VAL B 138 -7.02 16.64 -10.69
N GLU B 139 -8.28 16.43 -10.96
CA GLU B 139 -9.22 17.55 -11.19
C GLU B 139 -9.25 18.63 -10.04
N ARG B 140 -9.12 18.28 -8.74
CA ARG B 140 -9.15 19.39 -7.77
C ARG B 140 -7.82 20.08 -7.40
N GLN B 141 -6.76 19.68 -8.15
CA GLN B 141 -5.42 20.13 -7.74
C GLN B 141 -4.67 20.52 -9.05
N SER B 142 -5.31 21.25 -9.97
CA SER B 142 -4.78 21.70 -11.30
C SER B 142 -3.51 22.58 -11.10
N PRO B 143 -3.34 23.33 -9.98
CA PRO B 143 -2.07 24.09 -9.63
C PRO B 143 -0.85 23.14 -9.57
N ASN B 144 -0.89 22.21 -8.59
CA ASN B 144 0.07 21.11 -8.54
C ASN B 144 0.31 20.38 -9.87
N VAL B 145 -0.70 20.00 -10.60
CA VAL B 145 -0.56 19.35 -11.84
C VAL B 145 0.37 20.13 -12.81
N PHE B 146 0.02 21.39 -12.87
CA PHE B 146 0.84 22.18 -13.81
C PHE B 146 2.29 22.43 -13.45
N ARG B 147 2.50 22.61 -12.17
CA ARG B 147 3.88 22.64 -11.65
C ARG B 147 4.69 21.33 -11.99
N MET B 148 4.00 20.17 -11.84
CA MET B 148 4.84 18.95 -12.09
C MET B 148 5.16 18.94 -13.66
N ARG B 149 4.27 19.40 -14.44
CA ARG B 149 4.62 19.37 -15.86
C ARG B 149 5.71 20.43 -16.30
N LEU B 150 5.64 21.66 -15.72
CA LEU B 150 6.78 22.62 -15.76
C LEU B 150 8.04 22.06 -15.46
N MET B 151 8.11 21.09 -14.44
CA MET B 151 9.33 20.64 -14.00
C MET B 151 9.79 19.22 -14.78
N GLY B 152 8.96 18.95 -15.73
CA GLY B 152 9.34 17.95 -16.76
C GLY B 152 8.76 16.55 -16.37
N ALA B 153 7.95 16.49 -15.33
CA ALA B 153 7.48 15.09 -14.95
C ALA B 153 6.37 14.72 -15.85
N GLU B 154 6.17 13.40 -16.07
CA GLU B 154 4.90 12.95 -16.79
C GLU B 154 3.84 12.62 -15.76
N VAL B 155 2.61 13.16 -15.84
CA VAL B 155 1.63 12.90 -14.76
C VAL B 155 0.56 11.97 -15.24
N ILE B 156 0.36 10.78 -14.53
CA ILE B 156 -0.79 9.78 -14.94
C ILE B 156 -1.94 9.67 -13.87
N PRO B 157 -3.04 9.99 -14.27
CA PRO B 157 -4.33 9.99 -13.42
C PRO B 157 -4.82 8.59 -13.37
N VAL B 158 -5.28 8.29 -12.11
CA VAL B 158 -5.71 6.82 -11.95
C VAL B 158 -7.28 6.86 -11.73
N HIS B 159 -8.05 6.22 -12.63
CA HIS B 159 -9.53 6.21 -12.60
C HIS B 159 -10.11 5.04 -11.71
N SER B 160 -9.34 4.01 -11.45
CA SER B 160 -9.72 2.88 -10.55
C SER B 160 -9.98 3.17 -9.12
N GLY B 161 -10.85 2.29 -8.56
CA GLY B 161 -11.24 2.17 -7.14
C GLY B 161 -11.91 3.52 -6.94
N SER B 162 -11.48 4.19 -5.87
CA SER B 162 -12.04 5.52 -5.49
C SER B 162 -11.27 6.72 -6.23
N ALA B 163 -10.15 6.44 -6.97
CA ALA B 163 -9.55 7.45 -7.94
C ALA B 163 -9.02 8.46 -6.97
N THR B 164 -8.69 8.03 -5.72
CA THR B 164 -7.85 9.01 -4.89
C THR B 164 -6.40 8.47 -4.46
N LEU B 165 -5.87 8.85 -3.25
CA LEU B 165 -4.44 8.67 -3.01
C LEU B 165 -4.19 7.21 -2.93
N LYS B 166 -5.11 6.44 -2.30
CA LYS B 166 -4.80 5.01 -2.15
C LYS B 166 -4.81 4.30 -3.55
N ASP B 167 -5.68 4.71 -4.50
CA ASP B 167 -5.76 4.03 -5.78
C ASP B 167 -4.54 4.49 -6.48
N ALA B 168 -4.14 5.79 -6.30
CA ALA B 168 -2.68 5.91 -6.68
C ALA B 168 -1.49 4.96 -6.24
N CYS B 169 -1.37 4.75 -4.86
CA CYS B 169 -0.45 3.90 -4.21
C CYS B 169 -0.65 2.53 -4.87
N ASN B 170 -1.88 2.15 -5.20
CA ASN B 170 -2.09 0.80 -5.84
C ASN B 170 -1.42 0.75 -7.25
N GLU B 171 -1.64 1.81 -8.03
CA GLU B 171 -1.02 1.79 -9.45
C GLU B 171 0.50 1.89 -9.41
N ALA B 172 1.09 2.49 -8.35
CA ALA B 172 2.51 2.54 -8.23
C ALA B 172 3.07 1.14 -8.22
N LEU B 173 2.47 0.38 -7.23
CA LEU B 173 2.89 -1.04 -6.94
C LEU B 173 2.66 -2.04 -8.13
N ARG B 174 1.77 -1.75 -9.01
CA ARG B 174 1.55 -2.49 -10.18
C ARG B 174 2.58 -2.19 -11.20
N ASP B 175 3.16 -0.97 -11.29
CA ASP B 175 4.10 -0.77 -12.45
C ASP B 175 5.51 -1.22 -12.10
N TRP B 176 5.89 -1.11 -10.81
CA TRP B 176 7.21 -1.27 -10.48
C TRP B 176 7.86 -2.65 -10.75
N PRO B 177 7.06 -3.70 -10.67
CA PRO B 177 7.61 -5.06 -10.90
C PRO B 177 8.09 -5.29 -12.42
N GLY B 178 7.40 -4.71 -13.39
CA GLY B 178 7.89 -4.58 -14.77
C GLY B 178 9.14 -3.66 -15.04
N SER B 179 9.65 -2.92 -14.03
CA SER B 179 10.60 -1.82 -14.28
C SER B 179 11.63 -1.51 -13.34
N TYR B 180 11.86 -2.29 -12.23
CA TYR B 180 12.56 -1.87 -11.09
C TYR B 180 13.93 -2.01 -11.54
N GLU B 181 14.31 -2.64 -12.72
CA GLU B 181 15.77 -2.55 -13.01
C GLU B 181 16.33 -1.05 -13.52
N THR B 182 15.45 -0.34 -14.06
CA THR B 182 15.99 1.06 -14.29
C THR B 182 15.10 2.17 -13.50
N ALA B 183 14.06 1.78 -12.77
CA ALA B 183 13.09 2.74 -12.13
C ALA B 183 12.94 2.61 -10.59
N HIS B 184 13.00 3.76 -9.92
CA HIS B 184 13.07 3.63 -8.43
C HIS B 184 11.66 4.15 -8.11
N TYR B 185 10.93 3.45 -7.14
CA TYR B 185 9.56 3.82 -6.68
C TYR B 185 9.75 4.74 -5.38
N MET B 186 9.29 6.05 -5.62
CA MET B 186 9.81 7.07 -4.60
C MET B 186 8.49 7.33 -3.75
N LEU B 187 8.47 6.46 -2.65
CA LEU B 187 7.17 6.47 -1.81
C LEU B 187 7.22 7.86 -0.90
N GLY B 188 5.98 8.33 -0.72
CA GLY B 188 6.12 9.80 -0.17
C GLY B 188 5.80 9.82 1.32
N THR B 189 5.73 8.70 2.03
CA THR B 189 5.52 8.84 3.58
C THR B 189 6.29 7.72 4.37
N ALA B 190 6.31 7.63 5.68
CA ALA B 190 7.12 6.70 6.45
C ALA B 190 6.19 5.45 6.53
N ALA B 191 5.68 5.04 5.44
CA ALA B 191 4.65 3.83 5.58
C ALA B 191 5.00 2.85 4.26
N GLY B 192 4.08 1.93 4.03
CA GLY B 192 4.27 1.01 2.85
C GLY B 192 5.17 -0.13 3.46
N PRO B 193 5.76 -1.08 2.55
CA PRO B 193 6.69 -2.10 2.94
C PRO B 193 7.94 -1.89 3.32
N HIS B 194 8.76 -2.49 4.18
CA HIS B 194 10.00 -2.40 4.50
C HIS B 194 10.83 -2.55 3.12
N PRO B 195 11.80 -1.62 2.96
CA PRO B 195 12.48 -0.77 3.85
C PRO B 195 11.86 0.89 3.95
N TYR B 196 10.78 1.03 3.35
CA TYR B 196 10.33 2.45 3.09
C TYR B 196 10.15 3.14 4.55
N PRO B 197 9.55 2.51 5.56
CA PRO B 197 9.44 3.27 6.89
C PRO B 197 10.72 3.56 7.43
N THR B 198 11.87 2.81 7.41
CA THR B 198 13.02 3.09 7.93
C THR B 198 13.77 4.24 7.05
N ILE B 199 13.70 3.98 5.72
CA ILE B 199 14.46 4.88 4.90
C ILE B 199 13.87 6.40 5.09
N VAL B 200 12.55 6.44 5.06
CA VAL B 200 11.89 7.87 5.10
C VAL B 200 12.25 8.40 6.49
N ARG B 201 12.20 7.63 7.67
CA ARG B 201 12.65 8.20 8.83
C ARG B 201 14.03 8.76 8.87
N GLU B 202 15.10 8.02 8.32
CA GLU B 202 16.34 8.33 8.49
C GLU B 202 16.57 9.63 7.32
N PHE B 203 15.77 9.66 6.36
CA PHE B 203 16.09 10.89 5.47
C PHE B 203 15.22 12.16 5.93
N GLN B 204 14.50 11.92 7.11
CA GLN B 204 13.73 13.09 7.69
C GLN B 204 14.27 13.36 8.95
N ARG B 205 15.28 12.67 9.52
CA ARG B 205 15.60 12.73 10.91
C ARG B 205 16.43 14.14 11.29
N MET B 206 16.87 14.86 10.18
CA MET B 206 17.62 15.91 10.56
C MET B 206 16.45 16.97 11.16
N ILE B 207 15.22 16.83 10.91
CA ILE B 207 14.16 17.80 11.54
C ILE B 207 14.49 17.83 12.99
N GLY B 208 14.34 16.67 13.63
CA GLY B 208 14.76 16.52 15.04
C GLY B 208 16.04 16.85 15.55
N GLU B 209 17.21 16.51 14.78
CA GLU B 209 18.43 16.72 15.31
C GLU B 209 18.65 18.34 15.18
N GLU B 210 18.17 18.97 14.19
CA GLU B 210 18.59 20.42 14.28
C GLU B 210 17.64 21.11 15.51
N THR B 211 16.48 20.68 15.60
CA THR B 211 15.49 21.18 16.80
C THR B 211 16.21 20.95 17.99
N LYS B 212 16.86 19.76 18.37
CA LYS B 212 17.52 19.64 19.58
C LYS B 212 18.64 20.61 19.86
N ALA B 213 19.54 20.79 18.73
CA ALA B 213 20.64 21.62 18.98
C ALA B 213 20.05 23.11 19.09
N GLN B 214 19.05 23.34 18.44
CA GLN B 214 18.63 24.91 18.22
C GLN B 214 17.91 25.17 19.71
N ILE B 215 17.14 24.13 20.19
CA ILE B 215 16.65 24.45 21.64
C ILE B 215 17.59 24.45 22.64
N LEU B 216 18.63 23.64 22.62
CA LEU B 216 19.66 23.57 23.60
C LEU B 216 20.38 24.97 23.59
N ASP B 217 20.55 25.49 22.35
CA ASP B 217 21.35 26.72 22.37
C ASP B 217 20.38 27.86 22.90
N LYS B 218 19.12 27.84 22.66
CA LYS B 218 18.24 29.06 22.89
C LYS B 218 17.75 28.97 24.40
N GLU B 219 17.56 27.77 24.83
CA GLU B 219 16.81 27.61 26.23
C GLU B 219 17.72 26.77 27.18
N GLY B 220 18.81 26.04 26.73
CA GLY B 220 19.72 25.43 27.56
C GLY B 220 19.06 24.05 28.16
N ARG B 221 17.97 23.71 27.50
CA ARG B 221 17.46 22.32 28.05
C ARG B 221 16.63 21.84 26.94
N LEU B 222 16.18 20.56 27.01
CA LEU B 222 15.24 20.04 26.04
C LEU B 222 13.82 20.30 26.05
N PRO B 223 12.95 20.19 25.10
CA PRO B 223 11.53 20.51 25.12
C PRO B 223 10.78 19.67 26.21
N ASP B 224 9.81 20.26 26.83
CA ASP B 224 8.78 19.24 27.52
C ASP B 224 8.02 18.47 26.45
N ALA B 225 7.62 18.91 25.24
CA ALA B 225 6.91 17.98 24.39
C ALA B 225 7.24 18.53 22.96
N VAL B 226 7.42 17.62 22.12
CA VAL B 226 7.42 18.05 20.56
C VAL B 226 6.23 17.60 19.93
N ILE B 227 5.53 18.31 19.10
CA ILE B 227 4.29 18.14 18.59
C ILE B 227 4.20 18.12 17.08
N ALA B 228 3.61 17.11 16.36
CA ALA B 228 3.46 17.08 14.89
C ALA B 228 2.38 16.52 14.31
N CYS B 229 1.76 16.81 13.22
CA CYS B 229 0.68 16.27 12.65
C CYS B 229 1.09 14.82 11.96
N VAL B 230 0.00 14.02 11.85
CA VAL B 230 0.22 12.52 11.36
C VAL B 230 -0.74 12.17 10.44
N GLY B 231 -0.27 12.10 8.97
CA GLY B 231 -1.12 11.85 7.91
C GLY B 231 -0.61 10.32 7.52
N GLY B 232 0.64 10.21 7.03
CA GLY B 232 1.28 8.87 6.97
C GLY B 232 2.28 8.66 7.97
N GLY B 233 3.06 9.82 8.63
CA GLY B 233 4.07 9.85 9.58
C GLY B 233 5.38 10.35 9.46
N SER B 234 5.64 10.89 8.08
CA SER B 234 7.03 11.24 8.04
C SER B 234 7.61 12.54 8.71
N ASN B 235 6.77 13.56 8.67
CA ASN B 235 7.34 14.65 9.39
C ASN B 235 7.41 14.56 10.99
N ALA B 236 6.35 13.80 11.30
CA ALA B 236 6.44 13.47 12.76
C ALA B 236 7.52 12.58 13.29
N ILE B 237 7.82 11.36 12.52
CA ILE B 237 8.88 10.64 12.89
C ILE B 237 10.26 11.33 12.63
N GLY B 238 10.24 12.24 11.64
CA GLY B 238 11.44 13.01 11.54
C GLY B 238 11.79 14.00 12.71
N MET B 239 10.72 14.58 13.20
CA MET B 239 10.79 15.38 14.48
C MET B 239 11.11 14.37 15.75
N PHE B 240 10.35 13.30 15.75
CA PHE B 240 10.66 12.59 16.95
C PHE B 240 11.79 11.79 17.25
N ALA B 241 12.38 11.35 15.94
CA ALA B 241 13.48 10.41 16.12
C ALA B 241 14.57 10.54 16.93
N ASP B 242 15.33 11.69 16.92
CA ASP B 242 16.27 11.91 17.69
C ASP B 242 16.05 12.26 19.32
N PHE B 243 14.79 12.34 19.45
CA PHE B 243 14.39 12.50 20.89
C PHE B 243 13.80 11.07 21.44
N ILE B 244 13.73 10.07 20.58
CA ILE B 244 13.05 8.81 21.33
C ILE B 244 13.90 8.42 22.44
N ASN B 245 15.17 8.39 22.56
CA ASN B 245 15.92 8.03 23.69
C ASN B 245 16.03 9.11 24.91
N ASP B 246 15.50 10.34 24.69
CA ASP B 246 15.48 11.43 25.86
C ASP B 246 14.00 11.29 26.38
N THR B 247 14.07 10.35 27.43
CA THR B 247 12.67 9.93 27.86
C THR B 247 11.96 11.05 28.62
N SER B 248 12.58 12.17 28.99
CA SER B 248 11.61 13.16 29.49
C SER B 248 10.92 13.99 28.50
N VAL B 249 11.34 13.86 27.18
CA VAL B 249 10.62 14.57 26.23
C VAL B 249 9.44 13.90 25.70
N GLY B 250 8.26 14.49 25.83
CA GLY B 250 7.00 14.25 25.27
C GLY B 250 6.84 13.99 23.73
N LEU B 251 6.43 12.90 23.17
CA LEU B 251 6.23 12.97 21.70
C LEU B 251 4.97 12.97 21.38
N ILE B 252 4.17 13.90 20.85
CA ILE B 252 2.86 13.92 20.50
C ILE B 252 2.47 14.04 19.11
N GLY B 253 1.80 13.05 18.57
CA GLY B 253 1.36 13.04 17.19
C GLY B 253 0.01 13.34 17.04
N VAL B 254 -0.50 14.25 16.13
CA VAL B 254 -1.74 14.55 15.93
C VAL B 254 -2.45 14.16 14.73
N GLU B 255 -3.43 13.25 14.76
CA GLU B 255 -4.23 12.90 13.71
C GLU B 255 -5.43 13.75 13.13
N PRO B 256 -5.94 13.89 12.03
CA PRO B 256 -7.04 14.59 11.72
C PRO B 256 -8.33 14.08 12.22
N GLY B 257 -9.08 14.86 13.04
CA GLY B 257 -10.48 14.39 13.40
C GLY B 257 -11.63 14.64 12.65
N GLY B 258 -11.33 15.38 11.44
CA GLY B 258 -12.36 15.66 10.52
C GLY B 258 -13.60 16.47 11.03
N HIS B 259 -14.76 15.96 10.80
CA HIS B 259 -15.99 16.39 11.34
C HIS B 259 -16.14 16.04 12.66
N GLY B 260 -15.30 15.25 13.18
CA GLY B 260 -15.34 14.68 14.55
C GLY B 260 -15.31 13.07 14.63
N ILE B 261 -14.62 12.72 15.67
CA ILE B 261 -14.39 11.16 15.65
C ILE B 261 -15.72 10.44 15.53
N GLU B 262 -16.69 10.85 16.35
CA GLU B 262 -18.06 10.29 16.32
C GLU B 262 -18.81 10.32 14.98
N THR B 263 -18.59 11.24 14.01
CA THR B 263 -19.26 11.15 12.81
C THR B 263 -18.60 9.96 11.92
N GLY B 264 -17.55 9.51 12.31
CA GLY B 264 -16.85 8.53 11.48
C GLY B 264 -16.16 9.26 10.33
N GLU B 265 -16.28 10.60 10.20
CA GLU B 265 -15.67 11.22 9.01
C GLU B 265 -14.40 11.83 9.49
N HIS B 266 -13.22 11.12 9.53
CA HIS B 266 -11.93 11.47 10.05
C HIS B 266 -10.79 10.76 9.39
N GLY B 267 -9.62 11.01 9.75
CA GLY B 267 -8.37 10.30 9.32
C GLY B 267 -7.63 9.91 10.33
N ALA B 268 -8.28 9.17 11.42
CA ALA B 268 -7.45 8.86 12.49
C ALA B 268 -7.38 7.38 12.90
N PRO B 269 -6.84 6.62 12.01
CA PRO B 269 -6.78 5.20 12.21
C PRO B 269 -5.97 4.78 13.29
N LEU B 270 -4.90 5.37 13.79
CA LEU B 270 -3.99 4.99 14.74
C LEU B 270 -4.83 4.79 16.00
N LYS B 271 -5.58 5.79 16.38
CA LYS B 271 -6.37 5.54 17.72
C LYS B 271 -7.78 5.08 17.46
N HIS B 272 -8.40 5.18 16.28
CA HIS B 272 -9.73 4.91 16.05
C HIS B 272 -10.05 3.83 14.93
N GLY B 273 -8.98 3.28 14.33
CA GLY B 273 -9.24 2.18 13.29
C GLY B 273 -8.87 0.82 13.93
N ARG B 274 -8.51 -0.21 13.02
CA ARG B 274 -8.17 -1.57 13.62
C ARG B 274 -6.97 -2.06 12.68
N VAL B 275 -6.07 -2.70 13.36
CA VAL B 275 -4.94 -3.51 12.62
C VAL B 275 -5.47 -4.27 11.48
N GLY B 276 -4.81 -3.98 10.23
CA GLY B 276 -5.09 -4.72 9.00
C GLY B 276 -3.74 -4.82 8.16
N ILE B 277 -3.89 -5.43 6.88
CA ILE B 277 -2.62 -5.45 6.10
C ILE B 277 -3.11 -4.94 4.82
N TYR B 278 -2.37 -3.86 4.42
CA TYR B 278 -2.80 -3.20 3.20
C TYR B 278 -1.46 -2.26 2.84
N PHE B 279 -1.39 -1.91 1.50
CA PHE B 279 -0.15 -1.27 1.06
C PHE B 279 1.05 -1.69 1.46
N GLY B 280 1.34 -3.14 1.57
CA GLY B 280 2.54 -3.58 1.97
C GLY B 280 3.04 -3.91 3.23
N MET B 281 2.00 -3.46 4.20
CA MET B 281 2.34 -3.46 5.61
C MET B 281 1.09 -3.88 6.57
N LYS B 282 1.54 -4.25 7.73
CA LYS B 282 0.54 -4.56 8.87
C LYS B 282 0.60 -3.17 9.83
N ALA B 283 -0.59 -2.61 9.77
CA ALA B 283 -0.69 -1.31 10.62
C ALA B 283 -2.15 -1.12 10.66
N PRO B 284 -2.54 -0.06 11.63
CA PRO B 284 -3.99 0.40 11.77
C PRO B 284 -4.62 0.86 10.65
N MET B 285 -5.76 0.63 10.17
CA MET B 285 -6.37 1.09 9.02
C MET B 285 -7.82 1.50 9.40
N MET B 286 -8.33 2.32 8.59
CA MET B 286 -9.74 2.75 8.39
C MET B 286 -10.24 1.57 7.35
N GLN B 287 -11.10 0.82 7.89
CA GLN B 287 -11.73 -0.33 7.16
C GLN B 287 -13.09 -0.70 7.75
N THR B 288 -13.95 -1.32 6.93
CA THR B 288 -15.28 -1.94 7.38
C THR B 288 -15.26 -3.18 8.33
N ALA B 289 -16.39 -3.62 8.92
CA ALA B 289 -16.42 -4.80 9.82
C ALA B 289 -15.80 -6.01 9.16
N ASP B 290 -15.96 -5.98 7.81
CA ASP B 290 -15.81 -6.94 6.66
C ASP B 290 -14.35 -6.88 6.13
N GLY B 291 -13.53 -5.89 6.51
CA GLY B 291 -12.21 -5.71 5.91
C GLY B 291 -12.03 -4.94 4.55
N GLN B 292 -12.94 -4.08 3.90
CA GLN B 292 -12.58 -3.32 2.70
C GLN B 292 -11.89 -1.99 3.30
N ILE B 293 -11.00 -1.44 2.56
CA ILE B 293 -10.24 -0.23 3.11
C ILE B 293 -11.07 0.95 2.61
N GLU B 294 -11.12 1.91 3.50
CA GLU B 294 -11.81 3.24 3.24
C GLU B 294 -10.98 4.44 3.12
N GLU B 295 -11.66 5.60 2.78
CA GLU B 295 -10.85 6.84 2.69
C GLU B 295 -11.02 7.45 4.12
N SER B 296 -9.94 8.09 4.38
CA SER B 296 -9.92 9.01 5.46
C SER B 296 -10.85 10.32 5.01
N TYR B 297 -10.98 11.28 5.90
CA TYR B 297 -11.74 12.58 5.47
C TYR B 297 -10.92 13.47 6.36
N SER B 298 -10.48 14.62 5.75
CA SER B 298 -9.90 15.71 6.54
C SER B 298 -10.13 16.94 5.63
N ILE B 299 -10.29 18.12 6.34
CA ILE B 299 -10.31 19.35 5.50
C ILE B 299 -8.88 19.41 4.86
N SER B 300 -7.81 18.92 5.43
CA SER B 300 -6.48 19.01 5.00
C SER B 300 -6.25 17.78 3.95
N ALA B 301 -6.24 18.02 2.65
CA ALA B 301 -5.68 16.93 1.69
C ALA B 301 -4.50 16.06 2.01
N GLY B 302 -3.42 16.58 2.53
CA GLY B 302 -2.33 16.01 2.98
C GLY B 302 -2.31 14.98 4.11
N LEU B 303 -3.45 15.05 4.87
CA LEU B 303 -3.59 14.05 6.00
C LEU B 303 -4.64 12.99 5.62
N ASP B 304 -5.02 12.85 4.45
CA ASP B 304 -6.18 12.04 4.19
C ASP B 304 -5.62 10.59 3.80
N PHE B 305 -4.95 9.83 4.60
CA PHE B 305 -4.31 8.49 4.16
C PHE B 305 -5.04 7.64 5.23
N PRO B 306 -5.85 6.53 4.91
CA PRO B 306 -6.60 5.81 5.93
C PRO B 306 -5.72 4.78 6.66
N SER B 307 -4.45 4.89 6.60
CA SER B 307 -3.59 4.15 7.48
C SER B 307 -2.44 4.89 8.13
N VAL B 308 -1.35 4.60 8.67
CA VAL B 308 -0.38 5.25 9.32
C VAL B 308 0.89 4.51 9.34
N GLY B 309 2.04 5.11 9.40
CA GLY B 309 3.37 4.58 9.46
C GLY B 309 3.50 3.43 10.57
N PRO B 310 4.08 2.26 10.39
CA PRO B 310 4.07 1.30 11.53
C PRO B 310 4.83 1.65 12.63
N GLN B 311 5.93 2.54 12.67
CA GLN B 311 6.74 2.83 13.70
C GLN B 311 5.81 3.71 14.77
N HIS B 312 4.98 4.49 14.11
CA HIS B 312 3.95 5.31 15.01
C HIS B 312 3.07 4.26 15.80
N ALA B 313 2.55 3.29 15.05
CA ALA B 313 1.67 2.24 15.90
C ALA B 313 2.55 1.70 16.86
N TYR B 314 3.80 1.32 16.81
CA TYR B 314 4.62 0.76 17.78
C TYR B 314 4.95 1.59 18.98
N LEU B 315 5.34 2.90 18.63
CA LEU B 315 5.70 3.82 19.79
C LEU B 315 4.27 4.11 20.41
N ASN B 316 3.13 4.15 19.85
CA ASN B 316 1.79 4.26 20.66
C ASN B 316 1.73 3.00 21.52
N SER B 317 1.89 1.80 20.91
CA SER B 317 1.65 0.54 21.82
C SER B 317 2.42 0.42 23.08
N ILE B 318 3.73 0.91 23.16
CA ILE B 318 4.60 0.91 24.33
C ILE B 318 4.53 2.22 25.19
N GLY B 319 3.77 3.12 24.84
CA GLY B 319 3.46 4.29 25.60
C GLY B 319 4.62 5.29 25.51
N ARG B 320 5.55 5.25 24.39
CA ARG B 320 6.64 6.18 24.38
C ARG B 320 5.89 7.30 23.47
N ALA B 321 5.00 7.25 22.68
CA ALA B 321 4.45 8.54 22.21
C ALA B 321 3.01 8.47 22.36
N ASP B 322 2.36 9.64 22.45
CA ASP B 322 0.95 9.72 22.43
C ASP B 322 0.29 10.30 21.38
N TYR B 323 -0.79 9.88 20.98
CA TYR B 323 -1.45 10.28 19.82
C TYR B 323 -2.81 10.91 20.10
N VAL B 324 -3.20 12.02 19.52
CA VAL B 324 -4.50 12.57 19.64
C VAL B 324 -5.09 13.09 18.44
N SER B 325 -6.23 13.77 18.34
CA SER B 325 -6.93 14.19 17.19
C SER B 325 -7.43 15.68 17.35
N ILE B 326 -7.43 16.28 16.18
CA ILE B 326 -7.95 17.77 16.05
C ILE B 326 -8.85 17.85 14.99
N THR B 327 -10.01 18.55 15.03
CA THR B 327 -11.12 18.61 14.15
C THR B 327 -10.81 19.85 12.93
N ASP B 328 -11.55 19.68 11.94
CA ASP B 328 -11.41 20.62 10.76
C ASP B 328 -11.53 22.10 11.47
N ASP B 329 -12.57 22.20 12.31
CA ASP B 329 -12.63 23.49 13.09
C ASP B 329 -11.63 23.97 13.91
N GLU B 330 -11.04 23.18 14.72
CA GLU B 330 -9.96 23.39 15.49
C GLU B 330 -8.67 23.88 14.67
N ALA B 331 -8.52 23.12 13.57
CA ALA B 331 -7.38 23.45 12.79
C ALA B 331 -7.65 24.84 12.02
N LEU B 332 -8.74 25.05 11.61
CA LEU B 332 -9.08 26.42 10.93
C LEU B 332 -8.86 27.50 11.92
N GLU B 333 -9.29 27.36 13.16
CA GLU B 333 -8.81 28.37 14.18
C GLU B 333 -7.45 28.58 14.46
N ALA B 334 -6.52 27.59 14.46
CA ALA B 334 -5.26 27.68 14.82
C ALA B 334 -4.59 28.44 13.42
N PHE B 335 -5.17 28.12 12.24
CA PHE B 335 -4.55 28.69 10.99
C PHE B 335 -4.80 30.37 11.10
N LYS B 336 -6.03 30.60 11.56
CA LYS B 336 -6.33 32.10 11.64
C LYS B 336 -5.53 32.60 12.72
N THR B 337 -5.31 32.07 13.96
CA THR B 337 -4.40 32.59 14.95
C THR B 337 -3.02 32.88 14.62
N LEU B 338 -2.42 31.96 13.74
CA LEU B 338 -1.00 32.13 13.51
C LEU B 338 -0.94 33.35 12.39
N CYS B 339 -1.86 33.36 11.57
CA CYS B 339 -1.69 34.41 10.39
C CYS B 339 -1.74 35.79 11.21
N ARG B 340 -2.71 35.80 12.18
CA ARG B 340 -2.99 37.30 12.73
C ARG B 340 -2.01 37.58 13.75
N HIS B 341 -1.38 36.74 14.64
CA HIS B 341 -0.45 36.93 15.60
C HIS B 341 0.94 36.81 15.43
N GLU B 342 1.35 36.08 14.26
CA GLU B 342 2.74 35.89 14.11
C GLU B 342 3.12 36.22 12.52
N GLY B 343 2.15 36.43 11.85
CA GLY B 343 2.39 36.80 10.40
C GLY B 343 2.99 35.65 9.58
N ILE B 344 2.57 34.43 9.97
CA ILE B 344 3.06 33.09 9.36
C ILE B 344 1.88 32.41 8.89
N ILE B 345 1.65 32.03 7.59
CA ILE B 345 0.47 31.48 7.11
C ILE B 345 0.85 29.95 7.09
N PRO B 346 0.32 29.11 7.91
CA PRO B 346 0.71 27.62 8.01
C PRO B 346 -0.21 26.95 7.21
N ALA B 347 0.40 25.69 6.81
CA ALA B 347 -0.42 24.69 6.00
C ALA B 347 -1.64 24.09 6.91
N LEU B 348 -2.61 23.79 6.24
CA LEU B 348 -3.82 23.26 7.04
C LEU B 348 -3.27 21.88 7.75
N GLU B 349 -2.38 21.07 7.10
CA GLU B 349 -1.76 19.95 7.80
C GLU B 349 -1.15 20.31 9.12
N SER B 350 -0.13 21.27 9.26
CA SER B 350 0.62 21.67 10.33
C SER B 350 -0.50 22.45 11.45
N SER B 351 -1.45 22.95 10.83
CA SER B 351 -2.47 23.79 11.71
C SER B 351 -3.03 22.77 12.73
N HIS B 352 -3.06 21.51 12.30
CA HIS B 352 -3.64 20.59 13.41
C HIS B 352 -2.73 20.46 14.38
N ALA B 353 -1.35 20.32 14.36
CA ALA B 353 -0.29 20.19 15.23
C ALA B 353 -0.34 21.54 16.22
N LEU B 354 -0.43 22.65 15.45
CA LEU B 354 -0.51 23.92 16.29
C LEU B 354 -1.87 23.93 17.15
N ALA B 355 -2.95 23.59 16.62
CA ALA B 355 -4.36 23.52 17.31
C ALA B 355 -4.05 22.78 18.57
N HIS B 356 -3.35 21.60 18.52
CA HIS B 356 -3.23 20.88 19.84
C HIS B 356 -2.33 21.57 20.80
N ALA B 357 -1.21 22.26 20.36
CA ALA B 357 -0.38 22.99 21.24
C ALA B 357 -1.23 24.24 21.86
N LEU B 358 -2.09 24.72 21.05
CA LEU B 358 -2.84 26.00 21.61
C LEU B 358 -3.77 25.37 22.74
N LYS B 359 -4.34 24.18 22.43
CA LYS B 359 -5.20 23.63 23.61
C LYS B 359 -4.36 23.27 24.65
N MET B 360 -3.13 22.75 24.77
CA MET B 360 -2.22 22.44 25.77
C MET B 360 -2.00 23.78 26.73
N MET B 361 -1.72 24.89 26.04
CA MET B 361 -1.64 26.26 26.71
C MET B 361 -3.01 26.70 27.15
N ARG B 362 -3.98 26.71 26.48
CA ARG B 362 -5.34 27.43 26.77
C ARG B 362 -5.95 26.56 28.01
N GLU B 363 -5.82 25.26 27.97
CA GLU B 363 -6.40 24.37 29.00
C GLU B 363 -5.79 24.55 30.42
N GLN B 364 -4.50 24.79 30.41
CA GLN B 364 -3.84 25.02 31.59
C GLN B 364 -2.71 26.21 31.54
N PRO B 365 -3.36 27.36 31.61
CA PRO B 365 -2.46 28.56 31.28
C PRO B 365 -1.52 28.93 32.20
N GLU B 366 -1.57 28.47 33.55
CA GLU B 366 -0.44 28.49 34.22
C GLU B 366 0.53 27.39 34.55
N LYS B 367 0.41 26.36 33.76
CA LYS B 367 1.45 25.23 33.61
C LYS B 367 2.87 25.89 32.85
N GLU B 368 3.84 25.73 33.54
CA GLU B 368 5.05 26.12 32.91
C GLU B 368 5.42 24.98 31.80
N GLN B 369 5.45 25.31 30.54
CA GLN B 369 5.89 24.19 29.64
C GLN B 369 6.62 24.84 28.34
N LEU B 370 7.64 24.02 27.91
CA LEU B 370 8.43 24.50 26.62
C LEU B 370 7.95 23.60 25.46
N LEU B 371 7.39 24.05 24.47
CA LEU B 371 6.58 23.30 23.51
C LEU B 371 7.34 23.64 22.14
N VAL B 372 7.56 22.51 21.34
CA VAL B 372 7.98 22.86 19.85
C VAL B 372 7.00 22.34 18.96
N VAL B 373 6.34 22.86 17.96
CA VAL B 373 5.49 22.37 17.10
C VAL B 373 6.33 22.27 15.78
N ASN B 374 6.26 21.13 15.13
CA ASN B 374 6.97 21.09 13.71
C ASN B 374 5.93 21.62 12.79
N LEU B 375 6.30 22.94 12.15
CA LEU B 375 5.43 23.46 11.28
C LEU B 375 5.86 22.94 9.83
N SER B 376 5.15 21.88 9.50
CA SER B 376 5.74 21.01 8.39
C SER B 376 5.57 21.68 7.05
N GLY B 377 4.71 22.69 6.84
CA GLY B 377 4.73 23.36 5.48
C GLY B 377 4.04 24.78 5.58
N ARG B 378 4.14 25.51 4.53
CA ARG B 378 3.34 26.76 4.48
C ARG B 378 2.13 26.62 3.90
N GLY B 379 1.16 27.60 4.05
CA GLY B 379 -0.11 27.56 3.61
C GLY B 379 -0.85 28.28 2.61
N ASP B 380 0.10 28.93 1.81
CA ASP B 380 -0.46 29.44 0.51
C ASP B 380 -1.32 28.59 -0.30
N LYS B 381 -1.05 27.25 -0.52
CA LYS B 381 -1.91 26.30 -1.20
C LYS B 381 -3.25 26.22 -0.55
N ASP B 382 -3.28 26.60 0.67
CA ASP B 382 -4.64 26.49 1.33
C ASP B 382 -5.52 27.72 1.46
N ILE B 383 -5.00 28.98 1.02
CA ILE B 383 -5.96 29.98 1.15
C ILE B 383 -7.22 30.01 0.41
N PHE B 384 -7.32 29.54 -0.80
CA PHE B 384 -8.72 29.41 -1.34
C PHE B 384 -9.67 28.47 -0.50
N THR B 385 -9.09 27.47 0.00
CA THR B 385 -10.02 26.58 0.79
C THR B 385 -10.51 27.27 2.01
N VAL B 386 -9.63 28.04 2.70
CA VAL B 386 -10.09 28.65 3.92
C VAL B 386 -10.99 29.86 3.58
N HIS B 387 -10.63 30.63 2.53
CA HIS B 387 -11.63 31.71 2.13
C HIS B 387 -12.90 31.17 1.76
N ASP B 388 -12.97 30.12 0.91
CA ASP B 388 -14.29 29.52 0.62
C ASP B 388 -15.07 29.08 1.86
N ILE B 389 -14.40 28.73 2.94
CA ILE B 389 -15.17 28.26 4.15
C ILE B 389 -15.59 29.35 4.82
N LEU B 390 -14.69 30.27 4.98
CA LEU B 390 -15.12 31.38 5.82
C LEU B 390 -16.25 32.02 5.00
N LYS B 391 -16.14 32.05 3.70
CA LYS B 391 -17.22 32.77 3.02
C LYS B 391 -18.54 32.01 3.25
N ALA B 392 -18.57 30.70 2.99
CA ALA B 392 -19.80 29.98 3.21
C ALA B 392 -20.47 30.27 4.53
N ARG B 393 -19.72 30.47 5.60
CA ARG B 393 -20.38 30.81 6.83
C ARG B 393 -20.66 32.34 7.05
N GLY B 394 -19.92 33.27 6.44
CA GLY B 394 -19.89 34.69 6.91
C GLY B 394 -19.10 34.99 8.22
O3 IAG C . -5.44 -12.98 -14.79
C12 IAG C . -4.95 -14.10 -15.30
O2 IAG C . -4.77 -14.51 -16.56
C11 IAG C . -4.57 -15.05 -14.24
N2 IAG C . -5.02 -14.34 -13.00
C10 IAG C . -5.22 -15.27 -12.05
O1 IAG C . -4.78 -16.50 -12.06
C9 IAG C . -6.06 -14.73 -10.95
C2 IAG C . -5.48 -13.54 -10.36
C1 IAG C . -6.30 -12.39 -10.29
N1 IAG C . -5.34 -11.64 -9.68
C7 IAG C . -4.28 -13.44 -9.78
C8 IAG C . -4.13 -12.09 -9.32
C6 IAG C . -2.92 -11.77 -8.64
C5 IAG C . -1.90 -12.65 -8.44
C4 IAG C . -2.12 -13.93 -8.95
C3 IAG C . -3.26 -14.30 -9.59
NA NA D . -3.29 8.50 8.27
N1 PLP E . 2.44 18.43 6.36
C2 PLP E . 2.66 18.86 5.06
C2A PLP E . 3.03 20.42 4.93
C3 PLP E . 2.52 18.05 4.00
O3 PLP E . 2.81 18.60 2.75
C4 PLP E . 2.22 16.75 4.18
C4A PLP E . 2.04 15.75 3.06
C5 PLP E . 1.93 16.27 5.51
C6 PLP E . 2.09 17.12 6.52
C5A PLP E . 1.54 14.72 5.77
O4P PLP E . 2.52 13.53 5.68
P PLP E . 3.33 13.10 6.71
O1P PLP E . 4.00 11.92 5.93
O2P PLP E . 2.31 12.50 7.68
O3P PLP E . 4.31 13.87 7.31
#